data_2HTF
#
_entry.id   2HTF
#
_cell.length_a   1.000
_cell.length_b   1.000
_cell.length_c   1.000
_cell.angle_alpha   90.00
_cell.angle_beta   90.00
_cell.angle_gamma   90.00
#
_symmetry.space_group_name_H-M   'P 1'
#
_entity_poly.entity_id   1
_entity_poly.type   'polypeptide(L)'
_entity_poly.pdbx_seq_one_letter_code
;GTPPSTRFPGVAIYLVEPRMGRSRRAFLTGLARSKGFRVLDACSSEATHVVMEETSAEEAVSWQERRMAAAPPGCTPPAL
LDISWLTESLGAGQPVPVECRHRLE
;
_entity_poly.pdbx_strand_id   A
#
# COMPACT_ATOMS: atom_id res chain seq x y z
N GLY A 1 9.75 0.94 20.89
CA GLY A 1 9.63 2.36 20.47
C GLY A 1 8.71 2.53 19.29
N THR A 2 7.41 2.67 19.56
CA THR A 2 6.40 2.83 18.52
C THR A 2 6.60 1.86 17.37
N PRO A 3 6.81 0.56 17.65
CA PRO A 3 7.00 -0.43 16.59
C PRO A 3 5.93 -0.34 15.50
N PRO A 4 4.63 -0.25 15.87
CA PRO A 4 3.55 -0.17 14.89
C PRO A 4 3.28 1.26 14.47
N SER A 5 4.33 1.95 14.04
CA SER A 5 4.19 3.32 13.60
C SER A 5 3.21 3.41 12.44
N THR A 6 1.93 3.53 12.78
CA THR A 6 0.88 3.65 11.77
C THR A 6 0.17 4.98 11.91
N ARG A 7 0.23 5.52 13.12
CA ARG A 7 -0.38 6.81 13.42
C ARG A 7 -1.90 6.82 13.22
N PHE A 8 -2.32 7.00 11.97
CA PHE A 8 -3.74 7.05 11.65
C PHE A 8 -4.25 5.76 11.02
N PRO A 9 -5.08 4.98 11.76
CA PRO A 9 -5.63 3.72 11.23
C PRO A 9 -6.68 3.98 10.17
N GLY A 10 -7.43 2.94 9.81
CA GLY A 10 -8.46 3.10 8.79
C GLY A 10 -7.91 2.95 7.39
N VAL A 11 -6.86 3.73 7.09
CA VAL A 11 -6.22 3.66 5.78
C VAL A 11 -4.99 2.77 5.83
N ALA A 12 -5.20 1.47 5.74
CA ALA A 12 -4.12 0.51 5.77
C ALA A 12 -3.40 0.46 4.42
N ILE A 13 -2.08 0.65 4.46
CA ILE A 13 -1.28 0.63 3.24
C ILE A 13 -0.22 -0.46 3.28
N TYR A 14 -0.38 -1.47 2.43
CA TYR A 14 0.58 -2.56 2.36
C TYR A 14 1.57 -2.33 1.22
N LEU A 15 2.86 -2.35 1.55
CA LEU A 15 3.90 -2.13 0.56
C LEU A 15 4.52 -3.46 0.13
N VAL A 16 4.75 -3.59 -1.17
CA VAL A 16 5.34 -4.82 -1.71
C VAL A 16 6.87 -4.74 -1.65
N GLU A 17 7.43 -5.15 -0.53
CA GLU A 17 8.88 -5.13 -0.33
C GLU A 17 9.63 -5.83 -1.46
N PRO A 18 9.22 -7.05 -1.86
CA PRO A 18 9.89 -7.79 -2.94
C PRO A 18 9.99 -6.98 -4.23
N ARG A 19 9.18 -5.93 -4.34
CA ARG A 19 9.18 -5.08 -5.52
C ARG A 19 9.15 -3.60 -5.13
N MET A 20 9.93 -3.27 -4.10
CA MET A 20 10.00 -1.89 -3.61
C MET A 20 11.38 -1.57 -3.06
N GLY A 21 12.00 -0.53 -3.61
CA GLY A 21 13.32 -0.14 -3.15
C GLY A 21 13.29 0.24 -1.68
N ARG A 22 14.23 -0.29 -0.90
CA ARG A 22 14.31 0.00 0.52
C ARG A 22 14.54 1.49 0.77
N SER A 23 15.21 2.15 -0.18
CA SER A 23 15.50 3.58 -0.06
C SER A 23 14.21 4.39 -0.13
N ARG A 24 13.34 4.02 -1.07
CA ARG A 24 12.07 4.71 -1.25
C ARG A 24 11.06 4.27 -0.18
N ARG A 25 11.17 3.02 0.25
CA ARG A 25 10.27 2.47 1.25
C ARG A 25 10.42 3.24 2.56
N ALA A 26 11.64 3.31 3.07
CA ALA A 26 11.93 4.02 4.31
C ALA A 26 11.56 5.49 4.17
N PHE A 27 11.66 6.00 2.95
CA PHE A 27 11.34 7.40 2.66
C PHE A 27 9.84 7.67 2.82
N LEU A 28 9.02 6.79 2.24
CA LEU A 28 7.57 6.93 2.33
C LEU A 28 7.04 6.45 3.66
N THR A 29 7.81 5.60 4.33
CA THR A 29 7.42 5.05 5.62
C THR A 29 7.44 6.15 6.68
N GLY A 30 8.63 6.67 6.96
CA GLY A 30 8.78 7.71 7.96
C GLY A 30 7.87 8.90 7.71
N LEU A 31 7.58 9.16 6.43
CA LEU A 31 6.72 10.28 6.06
C LEU A 31 5.25 9.95 6.31
N ALA A 32 4.77 8.89 5.65
CA ALA A 32 3.38 8.46 5.79
C ALA A 32 2.98 8.32 7.26
N ARG A 33 3.95 7.96 8.09
CA ARG A 33 3.72 7.81 9.52
C ARG A 33 3.53 9.16 10.19
N SER A 34 4.25 10.15 9.70
CA SER A 34 4.18 11.50 10.25
C SER A 34 3.07 12.31 9.57
N LYS A 35 2.57 11.80 8.45
CA LYS A 35 1.51 12.49 7.71
C LYS A 35 0.13 12.11 8.25
N GLY A 36 -0.11 10.80 8.37
CA GLY A 36 -1.38 10.32 8.86
C GLY A 36 -1.86 9.09 8.10
N PHE A 37 -0.97 8.14 7.92
CA PHE A 37 -1.29 6.91 7.19
C PHE A 37 -0.80 5.68 7.95
N ARG A 38 -1.64 4.65 7.96
CA ARG A 38 -1.30 3.40 8.63
C ARG A 38 -0.45 2.51 7.73
N VAL A 39 0.72 2.13 8.21
CA VAL A 39 1.61 1.26 7.44
C VAL A 39 1.30 -0.21 7.72
N LEU A 40 0.49 -0.80 6.85
CA LEU A 40 0.10 -2.20 7.00
C LEU A 40 1.25 -3.11 6.57
N ASP A 41 1.71 -3.96 7.49
CA ASP A 41 2.79 -4.89 7.20
C ASP A 41 2.35 -6.33 7.47
N ALA A 42 3.22 -7.28 7.15
CA ALA A 42 2.93 -8.70 7.35
C ALA A 42 1.73 -9.15 6.52
N CYS A 43 1.56 -10.47 6.42
CA CYS A 43 0.46 -11.04 5.65
C CYS A 43 -0.89 -10.80 6.33
N SER A 44 -1.45 -9.61 6.13
CA SER A 44 -2.73 -9.25 6.72
C SER A 44 -3.67 -8.70 5.65
N SER A 45 -4.89 -9.26 5.59
CA SER A 45 -5.87 -8.84 4.60
C SER A 45 -6.53 -7.52 5.01
N GLU A 46 -6.21 -7.05 6.22
CA GLU A 46 -6.78 -5.80 6.71
C GLU A 46 -6.36 -4.62 5.84
N ALA A 47 -5.35 -4.84 4.99
CA ALA A 47 -4.86 -3.80 4.11
C ALA A 47 -5.93 -3.37 3.12
N THR A 48 -5.91 -2.09 2.75
CA THR A 48 -6.90 -1.56 1.82
C THR A 48 -6.23 -0.73 0.72
N HIS A 49 -4.90 -0.79 0.68
CA HIS A 49 -4.13 -0.05 -0.32
C HIS A 49 -2.81 -0.75 -0.64
N VAL A 50 -2.77 -1.42 -1.78
CA VAL A 50 -1.56 -2.13 -2.19
C VAL A 50 -0.77 -1.31 -3.20
N VAL A 51 0.29 -0.67 -2.72
CA VAL A 51 1.14 0.15 -3.57
C VAL A 51 2.50 -0.50 -3.80
N MET A 52 2.95 -0.50 -5.05
CA MET A 52 4.23 -1.10 -5.39
C MET A 52 5.01 -0.24 -6.39
N GLU A 53 6.33 -0.35 -6.35
CA GLU A 53 7.21 0.42 -7.21
C GLU A 53 7.57 -0.36 -8.48
N GLU A 54 7.67 0.36 -9.59
CA GLU A 54 8.01 -0.24 -10.88
C GLU A 54 7.18 -1.48 -11.16
N THR A 55 5.87 -1.32 -11.20
CA THR A 55 4.97 -2.43 -11.45
C THR A 55 3.88 -2.05 -12.46
N SER A 56 3.69 -2.90 -13.45
CA SER A 56 2.68 -2.67 -14.48
C SER A 56 1.33 -3.21 -14.02
N ALA A 57 0.36 -3.19 -14.92
CA ALA A 57 -0.98 -3.66 -14.61
C ALA A 57 -0.98 -5.14 -14.21
N GLU A 58 -0.78 -6.02 -15.20
CA GLU A 58 -0.77 -7.46 -14.94
C GLU A 58 0.30 -7.83 -13.93
N GLU A 59 1.32 -6.99 -13.80
CA GLU A 59 2.40 -7.24 -12.85
C GLU A 59 1.87 -7.20 -11.42
N ALA A 60 0.99 -6.25 -11.14
CA ALA A 60 0.41 -6.11 -9.82
C ALA A 60 -0.77 -7.06 -9.64
N VAL A 61 -1.46 -7.34 -10.75
CA VAL A 61 -2.61 -8.25 -10.72
C VAL A 61 -2.15 -9.65 -10.31
N SER A 62 -1.05 -10.10 -10.88
CA SER A 62 -0.50 -11.40 -10.56
C SER A 62 -0.15 -11.45 -9.07
N TRP A 63 0.36 -10.32 -8.57
CA TRP A 63 0.71 -10.20 -7.17
C TRP A 63 -0.54 -10.28 -6.30
N GLN A 64 -1.63 -9.72 -6.81
CA GLN A 64 -2.90 -9.74 -6.10
C GLN A 64 -3.36 -11.17 -5.91
N GLU A 65 -3.19 -11.97 -6.95
CA GLU A 65 -3.56 -13.38 -6.92
C GLU A 65 -2.73 -14.12 -5.89
N ARG A 66 -1.45 -13.75 -5.80
CA ARG A 66 -0.53 -14.37 -4.84
C ARG A 66 -0.95 -14.00 -3.42
N ARG A 67 -1.44 -12.77 -3.25
CA ARG A 67 -1.87 -12.29 -1.95
C ARG A 67 -3.14 -13.02 -1.50
N MET A 68 -4.10 -13.13 -2.41
CA MET A 68 -5.36 -13.80 -2.12
C MET A 68 -5.12 -15.28 -1.85
N ALA A 69 -4.09 -15.83 -2.47
CA ALA A 69 -3.74 -17.24 -2.28
C ALA A 69 -3.28 -17.50 -0.86
N ALA A 70 -2.71 -16.47 -0.23
CA ALA A 70 -2.24 -16.57 1.14
C ALA A 70 -3.35 -16.25 2.13
N ALA A 71 -4.38 -15.57 1.65
CA ALA A 71 -5.52 -15.20 2.47
C ALA A 71 -6.68 -16.18 2.30
N PRO A 72 -7.52 -16.37 3.34
CA PRO A 72 -8.65 -17.29 3.29
C PRO A 72 -9.64 -16.91 2.19
N PRO A 73 -10.06 -17.88 1.35
CA PRO A 73 -11.01 -17.62 0.26
C PRO A 73 -12.30 -17.00 0.77
N GLY A 74 -12.47 -15.71 0.49
CA GLY A 74 -13.66 -15.01 0.94
C GLY A 74 -13.34 -13.61 1.42
N CYS A 75 -12.05 -13.34 1.61
CA CYS A 75 -11.60 -12.04 2.07
C CYS A 75 -11.59 -11.05 0.91
N THR A 76 -12.27 -9.93 1.09
CA THR A 76 -12.34 -8.89 0.07
C THR A 76 -10.94 -8.36 -0.25
N PRO A 77 -10.53 -8.37 -1.53
CA PRO A 77 -9.21 -7.89 -1.95
C PRO A 77 -9.07 -6.38 -1.77
N PRO A 78 -7.87 -5.91 -1.35
CA PRO A 78 -7.62 -4.47 -1.15
C PRO A 78 -7.57 -3.73 -2.47
N ALA A 79 -7.33 -2.42 -2.40
CA ALA A 79 -7.25 -1.60 -3.59
C ALA A 79 -5.90 -1.73 -4.28
N LEU A 80 -5.85 -2.53 -5.33
CA LEU A 80 -4.63 -2.75 -6.08
C LEU A 80 -4.32 -1.52 -6.93
N LEU A 81 -3.18 -0.88 -6.67
CA LEU A 81 -2.80 0.32 -7.41
C LEU A 81 -1.29 0.54 -7.39
N ASP A 82 -0.87 1.69 -7.89
CA ASP A 82 0.55 2.05 -7.96
C ASP A 82 0.97 2.90 -6.76
N ILE A 83 2.27 2.96 -6.53
CA ILE A 83 2.84 3.73 -5.43
C ILE A 83 2.63 5.23 -5.62
N SER A 84 2.25 5.62 -6.83
CA SER A 84 2.01 7.03 -7.15
C SER A 84 0.90 7.61 -6.28
N TRP A 85 0.05 6.73 -5.76
CA TRP A 85 -1.05 7.16 -4.90
C TRP A 85 -0.53 7.67 -3.57
N LEU A 86 0.38 6.91 -2.96
CA LEU A 86 0.94 7.27 -1.66
C LEU A 86 1.73 8.58 -1.75
N THR A 87 2.63 8.67 -2.74
CA THR A 87 3.45 9.86 -2.92
C THR A 87 2.61 11.13 -2.89
N GLU A 88 1.59 11.18 -3.74
CA GLU A 88 0.71 12.35 -3.81
C GLU A 88 -0.06 12.51 -2.50
N SER A 89 -0.42 11.39 -1.89
CA SER A 89 -1.15 11.41 -0.62
C SER A 89 -0.30 12.07 0.47
N LEU A 90 1.02 11.91 0.35
CA LEU A 90 1.94 12.49 1.32
C LEU A 90 2.08 14.00 1.07
N GLY A 91 2.01 14.38 -0.20
CA GLY A 91 2.12 15.78 -0.56
C GLY A 91 0.96 16.60 -0.03
N ALA A 92 -0.24 16.03 -0.10
CA ALA A 92 -1.43 16.71 0.38
C ALA A 92 -1.62 16.51 1.88
N GLY A 93 -0.97 15.49 2.42
CA GLY A 93 -1.06 15.20 3.84
C GLY A 93 -2.37 14.53 4.21
N GLN A 94 -3.01 13.90 3.23
CA GLN A 94 -4.28 13.22 3.46
C GLN A 94 -4.55 12.18 2.37
N PRO A 95 -5.30 11.11 2.69
CA PRO A 95 -5.61 10.06 1.73
C PRO A 95 -6.46 10.57 0.57
N VAL A 96 -5.79 10.96 -0.51
CA VAL A 96 -6.50 11.48 -1.69
C VAL A 96 -7.35 10.39 -2.34
N PRO A 97 -8.48 10.79 -2.96
CA PRO A 97 -9.39 9.84 -3.63
C PRO A 97 -8.71 9.16 -4.81
N VAL A 98 -8.47 7.86 -4.68
CA VAL A 98 -7.83 7.09 -5.74
C VAL A 98 -8.65 7.09 -7.02
N GLU A 99 -8.00 7.40 -8.13
CA GLU A 99 -8.66 7.42 -9.43
C GLU A 99 -8.30 6.17 -10.22
N CYS A 100 -8.97 5.97 -11.35
CA CYS A 100 -8.70 4.80 -12.19
C CYS A 100 -7.27 4.85 -12.70
N ARG A 101 -6.70 6.05 -12.70
CA ARG A 101 -5.33 6.26 -13.15
C ARG A 101 -4.35 5.44 -12.32
N HIS A 102 -4.29 5.73 -11.02
CA HIS A 102 -3.40 5.02 -10.12
C HIS A 102 -3.84 3.57 -9.95
N ARG A 103 -5.13 3.32 -10.11
CA ARG A 103 -5.68 1.98 -10.00
C ARG A 103 -5.61 1.28 -11.36
N LEU A 104 -4.44 1.31 -11.97
CA LEU A 104 -4.22 0.72 -13.28
C LEU A 104 -4.23 -0.81 -13.25
N GLU A 105 -4.86 -1.39 -12.23
CA GLU A 105 -4.91 -2.85 -12.13
C GLU A 105 -5.68 -3.44 -13.31
N GLY A 1 5.95 -6.98 19.54
CA GLY A 1 5.44 -5.60 19.44
C GLY A 1 6.12 -4.81 18.34
N THR A 2 5.49 -4.79 17.16
CA THR A 2 6.02 -4.07 16.03
C THR A 2 6.01 -2.55 16.29
N PRO A 3 7.17 -1.90 16.12
CA PRO A 3 7.27 -0.45 16.22
C PRO A 3 6.22 0.25 15.35
N PRO A 4 5.57 1.28 15.91
CA PRO A 4 4.44 1.96 15.26
C PRO A 4 4.73 2.45 13.85
N SER A 5 4.51 1.57 12.88
CA SER A 5 4.66 1.91 11.47
C SER A 5 3.40 2.62 10.98
N THR A 6 2.41 2.66 11.85
CA THR A 6 1.14 3.29 11.57
C THR A 6 0.71 4.16 12.74
N ARG A 7 0.14 5.32 12.43
CA ARG A 7 -0.32 6.25 13.47
C ARG A 7 -1.83 6.46 13.33
N PHE A 8 -2.35 6.29 12.12
CA PHE A 8 -3.76 6.50 11.84
C PHE A 8 -4.39 5.21 11.34
N PRO A 9 -5.15 4.52 12.21
CA PRO A 9 -5.77 3.23 11.89
C PRO A 9 -7.01 3.37 11.01
N GLY A 10 -6.89 4.11 9.92
CA GLY A 10 -7.97 4.23 8.98
C GLY A 10 -7.62 3.58 7.66
N VAL A 11 -6.97 4.35 6.80
CA VAL A 11 -6.52 3.84 5.51
C VAL A 11 -5.35 2.89 5.73
N ALA A 12 -5.38 1.76 5.04
CA ALA A 12 -4.40 0.72 5.23
C ALA A 12 -3.57 0.58 3.97
N ILE A 13 -2.26 0.57 4.14
CA ILE A 13 -1.35 0.62 3.02
C ILE A 13 -0.41 -0.56 3.03
N TYR A 14 -0.44 -1.39 2.00
CA TYR A 14 0.43 -2.54 1.95
C TYR A 14 1.48 -2.29 0.90
N LEU A 15 2.73 -2.47 1.28
CA LEU A 15 3.82 -2.20 0.36
C LEU A 15 4.47 -3.50 -0.04
N VAL A 16 4.70 -3.65 -1.33
CA VAL A 16 5.38 -4.81 -1.83
C VAL A 16 6.88 -4.69 -1.62
N GLU A 17 7.33 -5.08 -0.43
CA GLU A 17 8.75 -4.99 -0.09
C GLU A 17 9.64 -5.73 -1.10
N PRO A 18 9.28 -6.94 -1.57
CA PRO A 18 10.02 -7.63 -2.64
C PRO A 18 9.89 -6.95 -4.01
N ARG A 19 9.31 -5.76 -4.02
CA ARG A 19 9.14 -4.98 -5.24
C ARG A 19 9.18 -3.50 -4.89
N MET A 20 10.03 -3.16 -3.93
CA MET A 20 10.11 -1.82 -3.38
C MET A 20 11.49 -1.60 -2.79
N GLY A 21 12.07 -0.45 -3.06
CA GLY A 21 13.39 -0.15 -2.53
C GLY A 21 13.33 0.42 -1.13
N ARG A 22 14.31 0.04 -0.31
CA ARG A 22 14.41 0.59 1.05
C ARG A 22 14.33 2.11 1.06
N SER A 23 14.98 2.78 0.11
CA SER A 23 14.93 4.23 0.07
C SER A 23 13.49 4.73 -0.07
N ARG A 24 12.72 4.03 -0.89
CA ARG A 24 11.28 4.29 -1.01
C ARG A 24 10.59 4.03 0.33
N ARG A 25 10.75 2.80 0.82
CA ARG A 25 10.12 2.37 2.07
C ARG A 25 10.46 3.30 3.22
N ALA A 26 11.73 3.62 3.36
CA ALA A 26 12.20 4.44 4.46
C ALA A 26 11.59 5.83 4.41
N PHE A 27 11.65 6.46 3.24
CA PHE A 27 11.11 7.80 3.06
C PHE A 27 9.59 7.84 3.27
N LEU A 28 8.88 6.83 2.78
CA LEU A 28 7.43 6.80 2.90
C LEU A 28 7.01 6.46 4.32
N THR A 29 7.62 5.42 4.89
CA THR A 29 7.29 4.98 6.24
C THR A 29 7.53 6.11 7.22
N GLY A 30 8.60 6.85 7.01
CA GLY A 30 8.91 7.97 7.86
C GLY A 30 7.91 9.09 7.68
N LEU A 31 7.71 9.52 6.44
CA LEU A 31 6.82 10.63 6.16
C LEU A 31 5.38 10.28 6.50
N ALA A 32 4.88 9.19 5.95
CA ALA A 32 3.49 8.79 6.13
C ALA A 32 3.09 8.65 7.60
N ARG A 33 3.98 8.10 8.42
CA ARG A 33 3.68 7.94 9.85
C ARG A 33 3.66 9.30 10.54
N SER A 34 4.32 10.27 9.92
CA SER A 34 4.32 11.64 10.43
C SER A 34 3.10 12.41 9.94
N LYS A 35 2.47 11.91 8.87
CA LYS A 35 1.32 12.58 8.27
C LYS A 35 0.02 12.03 8.85
N GLY A 36 -0.19 10.73 8.65
CA GLY A 36 -1.44 10.12 9.07
C GLY A 36 -1.79 8.88 8.27
N PHE A 37 -0.91 7.88 8.27
CA PHE A 37 -1.14 6.69 7.45
C PHE A 37 -0.82 5.41 8.21
N ARG A 38 -1.64 4.39 7.99
CA ARG A 38 -1.40 3.07 8.53
C ARG A 38 -0.73 2.17 7.52
N VAL A 39 0.53 1.91 7.73
CA VAL A 39 1.23 0.90 6.97
C VAL A 39 0.79 -0.50 7.40
N LEU A 40 0.19 -1.18 6.46
CA LEU A 40 -0.23 -2.57 6.62
C LEU A 40 0.90 -3.46 6.10
N ASP A 41 1.63 -4.08 7.02
CA ASP A 41 2.82 -4.84 6.64
C ASP A 41 2.70 -6.29 7.10
N ALA A 42 1.49 -6.82 6.97
CA ALA A 42 1.20 -8.17 7.40
C ALA A 42 0.46 -8.92 6.29
N CYS A 43 0.50 -10.24 6.35
CA CYS A 43 -0.11 -11.10 5.35
C CYS A 43 -1.64 -11.03 5.40
N SER A 44 -2.16 -10.27 6.35
CA SER A 44 -3.59 -10.06 6.50
C SER A 44 -4.14 -9.27 5.30
N SER A 45 -5.41 -9.48 4.98
CA SER A 45 -6.04 -8.83 3.84
C SER A 45 -6.77 -7.56 4.26
N GLU A 46 -6.57 -7.15 5.51
CA GLU A 46 -7.19 -5.94 6.05
C GLU A 46 -6.66 -4.69 5.33
N ALA A 47 -5.65 -4.87 4.49
CA ALA A 47 -5.09 -3.75 3.73
C ALA A 47 -6.06 -3.28 2.68
N THR A 48 -6.17 -1.98 2.51
CA THR A 48 -7.09 -1.40 1.54
C THR A 48 -6.33 -0.51 0.57
N HIS A 49 -5.18 -1.02 0.11
CA HIS A 49 -4.24 -0.27 -0.74
C HIS A 49 -2.94 -1.04 -0.87
N VAL A 50 -2.76 -1.73 -1.97
CA VAL A 50 -1.48 -2.34 -2.27
C VAL A 50 -0.75 -1.45 -3.26
N VAL A 51 0.41 -0.97 -2.89
CA VAL A 51 1.16 -0.01 -3.68
C VAL A 51 2.47 -0.62 -4.13
N MET A 52 2.63 -0.73 -5.44
CA MET A 52 3.82 -1.35 -6.01
C MET A 52 4.65 -0.33 -6.77
N GLU A 53 5.96 -0.53 -6.79
CA GLU A 53 6.87 0.37 -7.47
C GLU A 53 7.42 -0.29 -8.72
N GLU A 54 7.51 0.49 -9.80
CA GLU A 54 7.96 0.00 -11.10
C GLU A 54 7.18 -1.25 -11.52
N THR A 55 5.88 -1.23 -11.29
CA THR A 55 5.04 -2.37 -11.55
C THR A 55 3.85 -2.00 -12.43
N SER A 56 3.71 -2.68 -13.54
CA SER A 56 2.59 -2.44 -14.45
C SER A 56 1.33 -3.12 -13.91
N ALA A 57 0.18 -2.72 -14.43
CA ALA A 57 -1.11 -3.23 -13.98
C ALA A 57 -1.14 -4.76 -13.89
N GLU A 58 -0.95 -5.44 -15.01
CA GLU A 58 -1.04 -6.91 -15.04
C GLU A 58 0.02 -7.56 -14.15
N GLU A 59 1.17 -6.89 -14.04
CA GLU A 59 2.24 -7.33 -13.15
C GLU A 59 1.73 -7.38 -11.71
N ALA A 60 1.14 -6.28 -11.26
CA ALA A 60 0.65 -6.17 -9.91
C ALA A 60 -0.60 -7.01 -9.70
N VAL A 61 -1.39 -7.18 -10.76
CA VAL A 61 -2.64 -7.94 -10.68
C VAL A 61 -2.35 -9.40 -10.37
N SER A 62 -1.39 -9.97 -11.09
CA SER A 62 -0.95 -11.32 -10.83
C SER A 62 -0.51 -11.48 -9.37
N TRP A 63 0.15 -10.44 -8.85
CA TRP A 63 0.55 -10.43 -7.45
C TRP A 63 -0.65 -10.39 -6.51
N GLN A 64 -1.63 -9.54 -6.83
CA GLN A 64 -2.82 -9.44 -5.99
C GLN A 64 -3.49 -10.80 -5.86
N GLU A 65 -3.75 -11.45 -6.99
CA GLU A 65 -4.33 -12.77 -7.00
C GLU A 65 -3.47 -13.77 -6.22
N ARG A 66 -2.17 -13.59 -6.29
CA ARG A 66 -1.23 -14.46 -5.59
C ARG A 66 -1.41 -14.34 -4.09
N ARG A 67 -1.45 -13.11 -3.58
CA ARG A 67 -1.60 -12.90 -2.14
C ARG A 67 -3.02 -13.24 -1.70
N MET A 68 -3.96 -13.25 -2.64
CA MET A 68 -5.32 -13.70 -2.35
C MET A 68 -5.33 -15.21 -2.14
N ALA A 69 -4.69 -15.94 -3.05
CA ALA A 69 -4.54 -17.38 -2.92
C ALA A 69 -3.66 -17.76 -1.73
N ALA A 70 -2.86 -16.82 -1.26
CA ALA A 70 -2.00 -17.03 -0.11
C ALA A 70 -2.79 -16.87 1.19
N ALA A 71 -3.83 -16.04 1.12
CA ALA A 71 -4.68 -15.78 2.28
C ALA A 71 -5.81 -16.80 2.33
N PRO A 72 -6.24 -17.17 3.54
CA PRO A 72 -7.38 -18.09 3.72
C PRO A 72 -8.66 -17.53 3.14
N PRO A 73 -9.42 -18.37 2.40
CA PRO A 73 -10.68 -17.96 1.75
C PRO A 73 -11.58 -17.16 2.68
N GLY A 74 -12.22 -16.14 2.13
CA GLY A 74 -12.95 -15.19 2.94
C GLY A 74 -12.17 -13.90 3.10
N CYS A 75 -11.03 -13.86 2.43
CA CYS A 75 -10.15 -12.69 2.45
C CYS A 75 -10.78 -11.52 1.71
N THR A 76 -10.71 -10.36 2.33
CA THR A 76 -11.25 -9.14 1.74
C THR A 76 -10.30 -8.58 0.68
N PRO A 77 -10.78 -8.40 -0.55
CA PRO A 77 -9.96 -7.86 -1.65
C PRO A 77 -9.59 -6.40 -1.43
N PRO A 78 -8.29 -6.10 -1.42
CA PRO A 78 -7.79 -4.74 -1.24
C PRO A 78 -7.90 -3.90 -2.53
N ALA A 79 -7.24 -2.75 -2.51
CA ALA A 79 -7.17 -1.89 -3.69
C ALA A 79 -5.76 -1.92 -4.25
N LEU A 80 -5.56 -2.65 -5.32
CA LEU A 80 -4.25 -2.80 -5.92
C LEU A 80 -3.95 -1.63 -6.84
N LEU A 81 -2.84 -0.94 -6.57
CA LEU A 81 -2.45 0.21 -7.36
C LEU A 81 -0.95 0.47 -7.24
N ASP A 82 -0.51 1.63 -7.70
CA ASP A 82 0.90 1.95 -7.73
C ASP A 82 1.27 2.88 -6.57
N ILE A 83 2.53 2.76 -6.12
CA ILE A 83 3.08 3.50 -4.96
C ILE A 83 2.93 5.01 -5.13
N SER A 84 2.67 5.44 -6.35
CA SER A 84 2.55 6.85 -6.67
C SER A 84 1.36 7.49 -5.94
N TRP A 85 0.32 6.70 -5.67
CA TRP A 85 -0.77 7.15 -4.81
C TRP A 85 -0.23 7.74 -3.50
N LEU A 86 0.68 7.02 -2.86
CA LEU A 86 1.15 7.41 -1.53
C LEU A 86 2.01 8.65 -1.60
N THR A 87 3.01 8.64 -2.48
CA THR A 87 3.87 9.80 -2.69
C THR A 87 3.09 11.07 -3.03
N GLU A 88 1.95 10.91 -3.71
CA GLU A 88 1.09 12.05 -4.00
C GLU A 88 0.24 12.40 -2.79
N SER A 89 -0.04 11.39 -1.97
CA SER A 89 -0.80 11.61 -0.76
C SER A 89 0.05 12.35 0.26
N LEU A 90 1.33 11.99 0.36
CA LEU A 90 2.29 12.73 1.18
C LEU A 90 2.56 14.11 0.58
N GLY A 91 2.24 14.25 -0.70
CA GLY A 91 2.43 15.51 -1.37
C GLY A 91 1.30 16.47 -1.05
N ALA A 92 0.18 15.90 -0.57
CA ALA A 92 -0.97 16.68 -0.18
C ALA A 92 -1.08 16.77 1.34
N GLY A 93 -0.58 15.74 2.02
CA GLY A 93 -0.68 15.67 3.46
C GLY A 93 -1.89 14.87 3.89
N GLN A 94 -2.52 14.22 2.92
CA GLN A 94 -3.74 13.47 3.14
C GLN A 94 -3.93 12.47 2.00
N PRO A 95 -4.63 11.35 2.27
CA PRO A 95 -4.89 10.32 1.25
C PRO A 95 -5.74 10.87 0.10
N VAL A 96 -5.10 11.07 -1.05
CA VAL A 96 -5.77 11.61 -2.22
C VAL A 96 -6.85 10.65 -2.74
N PRO A 97 -7.92 11.22 -3.31
CA PRO A 97 -9.01 10.43 -3.90
C PRO A 97 -8.52 9.63 -5.10
N VAL A 98 -8.44 8.32 -4.93
CA VAL A 98 -7.90 7.44 -5.95
C VAL A 98 -8.79 7.41 -7.19
N GLU A 99 -8.18 7.63 -8.35
CA GLU A 99 -8.87 7.48 -9.61
C GLU A 99 -8.53 6.14 -10.22
N CYS A 100 -9.34 5.67 -11.16
CA CYS A 100 -9.11 4.38 -11.80
C CYS A 100 -7.71 4.29 -12.41
N ARG A 101 -7.25 5.38 -12.99
CA ARG A 101 -5.93 5.43 -13.62
C ARG A 101 -4.82 5.21 -12.58
N HIS A 102 -5.04 5.71 -11.36
CA HIS A 102 -4.05 5.59 -10.29
C HIS A 102 -4.07 4.19 -9.71
N ARG A 103 -5.16 3.48 -9.94
CA ARG A 103 -5.30 2.10 -9.49
C ARG A 103 -4.69 1.16 -10.52
N LEU A 104 -4.78 1.61 -11.77
CA LEU A 104 -4.26 0.95 -13.00
C LEU A 104 -4.62 -0.53 -13.20
N GLU A 105 -4.87 -1.27 -12.12
CA GLU A 105 -5.18 -2.68 -12.16
C GLU A 105 -6.29 -3.01 -13.18
N GLY A 1 16.47 -3.25 13.94
CA GLY A 1 15.15 -3.39 13.31
C GLY A 1 14.14 -2.42 13.88
N THR A 2 13.05 -2.20 13.18
CA THR A 2 12.03 -1.27 13.62
C THR A 2 10.67 -1.94 13.61
N PRO A 3 9.98 -1.96 14.76
CA PRO A 3 8.61 -2.47 14.85
C PRO A 3 7.67 -1.65 13.97
N PRO A 4 6.58 -2.27 13.48
CA PRO A 4 5.61 -1.60 12.60
C PRO A 4 4.83 -0.50 13.30
N SER A 5 5.53 0.56 13.68
CA SER A 5 4.91 1.75 14.24
C SER A 5 4.21 2.51 13.12
N THR A 6 2.97 2.92 13.36
CA THR A 6 2.18 3.54 12.33
C THR A 6 1.73 4.94 12.76
N ARG A 7 0.41 5.17 12.81
CA ARG A 7 -0.15 6.44 13.24
C ARG A 7 -1.67 6.39 13.21
N PHE A 8 -2.23 6.33 12.01
CA PHE A 8 -3.68 6.41 11.84
C PHE A 8 -4.26 5.11 11.27
N PRO A 9 -5.05 4.40 12.09
CA PRO A 9 -5.75 3.20 11.63
C PRO A 9 -7.06 3.56 10.89
N GLY A 10 -6.95 3.63 9.58
CA GLY A 10 -8.06 4.00 8.72
C GLY A 10 -7.62 4.01 7.27
N VAL A 11 -6.34 4.32 7.11
CA VAL A 11 -5.67 4.14 5.84
C VAL A 11 -4.47 3.24 6.09
N ALA A 12 -4.58 2.00 5.64
CA ALA A 12 -3.53 1.02 5.87
C ALA A 12 -2.86 0.70 4.56
N ILE A 13 -1.61 1.13 4.45
CA ILE A 13 -0.88 1.04 3.21
C ILE A 13 0.01 -0.20 3.17
N TYR A 14 -0.22 -1.05 2.19
CA TYR A 14 0.63 -2.20 2.00
C TYR A 14 1.55 -1.95 0.83
N LEU A 15 2.82 -2.22 1.05
CA LEU A 15 3.85 -1.96 0.08
C LEU A 15 4.55 -3.26 -0.24
N VAL A 16 4.60 -3.62 -1.51
CA VAL A 16 5.11 -4.92 -1.91
C VAL A 16 6.63 -4.99 -1.82
N GLU A 17 7.09 -5.74 -0.84
CA GLU A 17 8.51 -5.89 -0.56
C GLU A 17 9.28 -6.53 -1.73
N PRO A 18 8.82 -7.68 -2.28
CA PRO A 18 9.50 -8.33 -3.41
C PRO A 18 9.32 -7.57 -4.73
N ARG A 19 9.52 -6.26 -4.68
CA ARG A 19 9.41 -5.41 -5.86
C ARG A 19 9.84 -3.98 -5.52
N MET A 20 9.33 -3.46 -4.39
CA MET A 20 9.62 -2.09 -3.99
C MET A 20 10.96 -1.97 -3.28
N GLY A 21 11.01 -2.49 -2.05
CA GLY A 21 12.24 -2.43 -1.29
C GLY A 21 12.09 -1.64 0.00
N ARG A 22 13.04 -1.82 0.91
CA ARG A 22 13.00 -1.18 2.22
C ARG A 22 13.32 0.29 2.11
N SER A 23 14.24 0.63 1.21
CA SER A 23 14.67 2.01 1.00
C SER A 23 13.47 2.90 0.67
N ARG A 24 12.63 2.41 -0.23
CA ARG A 24 11.45 3.14 -0.66
C ARG A 24 10.43 3.18 0.48
N ARG A 25 10.17 2.02 1.08
CA ARG A 25 9.19 1.91 2.16
C ARG A 25 9.56 2.82 3.32
N ALA A 26 10.80 2.71 3.80
CA ALA A 26 11.24 3.48 4.96
C ALA A 26 11.01 4.98 4.79
N PHE A 27 11.32 5.49 3.61
CA PHE A 27 11.22 6.91 3.34
C PHE A 27 9.75 7.36 3.42
N LEU A 28 8.87 6.66 2.70
CA LEU A 28 7.44 6.95 2.76
C LEU A 28 6.86 6.65 4.13
N THR A 29 7.30 5.59 4.81
CA THR A 29 6.80 5.28 6.15
C THR A 29 6.91 6.48 7.08
N GLY A 30 8.13 6.98 7.25
CA GLY A 30 8.34 8.17 8.06
C GLY A 30 7.42 9.31 7.69
N LEU A 31 7.23 9.51 6.38
CA LEU A 31 6.40 10.61 5.90
C LEU A 31 4.93 10.30 6.11
N ALA A 32 4.51 9.16 5.59
CA ALA A 32 3.11 8.73 5.62
C ALA A 32 2.55 8.69 7.03
N ARG A 33 3.36 8.24 7.98
CA ARG A 33 2.97 8.23 9.39
C ARG A 33 2.66 9.64 9.86
N SER A 34 3.54 10.58 9.51
CA SER A 34 3.38 11.96 9.90
C SER A 34 2.26 12.64 9.10
N LYS A 35 1.77 11.99 8.05
CA LYS A 35 0.76 12.59 7.18
C LYS A 35 -0.65 12.30 7.66
N GLY A 36 -1.02 11.02 7.80
CA GLY A 36 -2.36 10.69 8.25
C GLY A 36 -2.77 9.28 7.87
N PHE A 37 -1.81 8.37 7.88
CA PHE A 37 -2.06 6.96 7.57
C PHE A 37 -1.22 6.10 8.49
N ARG A 38 -1.52 4.82 8.61
CA ARG A 38 -0.59 3.88 9.22
C ARG A 38 0.28 3.27 8.14
N VAL A 39 1.01 2.22 8.51
CA VAL A 39 1.88 1.52 7.59
C VAL A 39 1.70 0.03 7.77
N LEU A 40 1.16 -0.62 6.75
CA LEU A 40 0.87 -2.04 6.82
C LEU A 40 2.06 -2.84 6.31
N ASP A 41 2.40 -3.90 7.02
CA ASP A 41 3.54 -4.73 6.66
C ASP A 41 3.06 -6.08 6.14
N ALA A 42 3.93 -7.08 6.11
CA ALA A 42 3.58 -8.36 5.51
C ALA A 42 2.70 -9.20 6.44
N CYS A 43 2.14 -10.27 5.88
CA CYS A 43 1.31 -11.21 6.64
C CYS A 43 0.06 -10.52 7.21
N SER A 44 -0.53 -9.62 6.43
CA SER A 44 -1.75 -8.95 6.85
C SER A 44 -2.52 -8.42 5.64
N SER A 45 -3.82 -8.66 5.64
CA SER A 45 -4.69 -8.18 4.58
C SER A 45 -5.51 -6.98 5.06
N GLU A 46 -5.19 -6.51 6.26
CA GLU A 46 -5.89 -5.38 6.86
C GLU A 46 -5.52 -4.07 6.17
N ALA A 47 -4.63 -4.17 5.19
CA ALA A 47 -4.25 -3.03 4.38
C ALA A 47 -5.29 -2.77 3.32
N THR A 48 -5.75 -1.53 3.20
CA THR A 48 -6.74 -1.22 2.18
C THR A 48 -6.07 -0.53 0.99
N HIS A 49 -4.79 -0.83 0.79
CA HIS A 49 -4.08 -0.41 -0.41
C HIS A 49 -2.95 -1.35 -0.74
N VAL A 50 -2.78 -1.56 -2.03
CA VAL A 50 -1.64 -2.29 -2.55
C VAL A 50 -0.82 -1.35 -3.40
N VAL A 51 0.38 -1.07 -2.94
CA VAL A 51 1.24 -0.09 -3.56
C VAL A 51 2.46 -0.79 -4.16
N MET A 52 2.69 -0.53 -5.43
CA MET A 52 3.76 -1.17 -6.17
C MET A 52 4.71 -0.14 -6.72
N GLU A 53 5.99 -0.44 -6.69
CA GLU A 53 7.01 0.44 -7.22
C GLU A 53 7.49 -0.07 -8.58
N GLU A 54 7.46 0.81 -9.57
CA GLU A 54 7.84 0.47 -10.93
C GLU A 54 7.12 -0.80 -11.39
N THR A 55 5.83 -0.85 -11.09
CA THR A 55 5.03 -2.01 -11.41
C THR A 55 3.81 -1.61 -12.21
N SER A 56 3.58 -2.33 -13.30
CA SER A 56 2.44 -2.06 -14.16
C SER A 56 1.23 -2.88 -13.72
N ALA A 57 0.08 -2.64 -14.35
CA ALA A 57 -1.18 -3.24 -13.94
C ALA A 57 -1.10 -4.76 -13.79
N GLU A 58 -0.78 -5.45 -14.88
CA GLU A 58 -0.79 -6.91 -14.88
C GLU A 58 0.26 -7.48 -13.92
N GLU A 59 1.44 -6.86 -13.89
CA GLU A 59 2.46 -7.20 -12.89
C GLU A 59 1.85 -7.28 -11.48
N ALA A 60 1.17 -6.23 -11.05
CA ALA A 60 0.59 -6.19 -9.72
C ALA A 60 -0.67 -7.05 -9.63
N VAL A 61 -1.33 -7.27 -10.77
CA VAL A 61 -2.52 -8.13 -10.81
C VAL A 61 -2.16 -9.56 -10.43
N SER A 62 -1.05 -10.07 -10.97
CA SER A 62 -0.57 -11.39 -10.60
C SER A 62 -0.25 -11.42 -9.11
N TRP A 63 0.47 -10.40 -8.66
CA TRP A 63 0.73 -10.20 -7.23
C TRP A 63 -0.56 -10.28 -6.40
N GLN A 64 -1.61 -9.61 -6.87
CA GLN A 64 -2.92 -9.68 -6.22
C GLN A 64 -3.41 -11.13 -6.12
N GLU A 65 -3.23 -11.86 -7.20
CA GLU A 65 -3.64 -13.27 -7.26
C GLU A 65 -2.84 -14.10 -6.26
N ARG A 66 -1.54 -13.81 -6.17
CA ARG A 66 -0.66 -14.45 -5.19
C ARG A 66 -1.14 -14.20 -3.76
N ARG A 67 -1.85 -13.09 -3.55
CA ARG A 67 -2.39 -12.79 -2.23
C ARG A 67 -3.58 -13.67 -1.96
N MET A 68 -4.45 -13.77 -2.95
CA MET A 68 -5.67 -14.54 -2.83
C MET A 68 -5.37 -16.01 -2.62
N ALA A 69 -4.47 -16.58 -3.41
CA ALA A 69 -4.08 -17.97 -3.29
C ALA A 69 -3.43 -18.28 -1.93
N ALA A 70 -2.90 -17.25 -1.28
CA ALA A 70 -2.22 -17.45 0.00
C ALA A 70 -3.14 -17.17 1.17
N ALA A 71 -4.07 -16.24 0.98
CA ALA A 71 -4.99 -15.84 2.02
C ALA A 71 -6.25 -16.70 2.00
N PRO A 72 -6.90 -16.86 3.16
CA PRO A 72 -8.19 -17.57 3.27
C PRO A 72 -9.26 -16.87 2.42
N PRO A 73 -10.24 -17.65 1.93
CA PRO A 73 -11.29 -17.17 1.02
C PRO A 73 -12.11 -16.00 1.59
N GLY A 74 -12.01 -15.78 2.89
CA GLY A 74 -12.71 -14.66 3.51
C GLY A 74 -12.01 -13.34 3.28
N CYS A 75 -10.78 -13.41 2.77
CA CYS A 75 -10.00 -12.21 2.49
C CYS A 75 -10.48 -11.54 1.22
N THR A 76 -10.81 -10.27 1.32
CA THR A 76 -11.23 -9.48 0.17
C THR A 76 -10.06 -8.60 -0.28
N PRO A 77 -9.73 -8.65 -1.58
CA PRO A 77 -8.62 -7.87 -2.16
C PRO A 77 -8.82 -6.36 -2.01
N PRO A 78 -7.82 -5.67 -1.42
CA PRO A 78 -7.80 -4.21 -1.34
C PRO A 78 -7.54 -3.57 -2.70
N ALA A 79 -7.40 -2.24 -2.73
CA ALA A 79 -7.17 -1.52 -3.99
C ALA A 79 -5.79 -1.83 -4.56
N LEU A 80 -5.76 -2.39 -5.76
CA LEU A 80 -4.52 -2.70 -6.42
C LEU A 80 -4.06 -1.48 -7.23
N LEU A 81 -2.89 -0.97 -6.90
CA LEU A 81 -2.41 0.26 -7.52
C LEU A 81 -0.90 0.42 -7.35
N ASP A 82 -0.40 1.58 -7.75
CA ASP A 82 1.03 1.83 -7.81
C ASP A 82 1.41 2.93 -6.81
N ILE A 83 2.71 2.97 -6.47
CA ILE A 83 3.28 3.93 -5.50
C ILE A 83 3.04 5.38 -5.91
N SER A 84 2.40 5.56 -7.04
CA SER A 84 2.09 6.89 -7.55
C SER A 84 0.96 7.54 -6.74
N TRP A 85 0.14 6.71 -6.10
CA TRP A 85 -0.92 7.20 -5.23
C TRP A 85 -0.34 7.77 -3.95
N LEU A 86 0.75 7.18 -3.48
CA LEU A 86 1.22 7.42 -2.14
C LEU A 86 2.03 8.72 -2.05
N THR A 87 2.84 8.98 -3.05
CA THR A 87 3.71 10.14 -3.01
C THR A 87 2.90 11.44 -2.98
N GLU A 88 1.97 11.59 -3.92
CA GLU A 88 1.03 12.72 -3.91
C GLU A 88 0.28 12.83 -2.59
N SER A 89 -0.47 11.79 -2.24
CA SER A 89 -1.20 11.75 -0.97
C SER A 89 -0.32 12.14 0.22
N LEU A 90 0.94 11.71 0.20
CA LEU A 90 1.91 12.13 1.21
C LEU A 90 2.10 13.64 1.20
N GLY A 91 2.40 14.19 0.02
CA GLY A 91 2.64 15.61 -0.10
C GLY A 91 1.45 16.43 0.34
N ALA A 92 0.27 16.06 -0.13
CA ALA A 92 -0.98 16.70 0.28
C ALA A 92 -1.24 16.53 1.77
N GLY A 93 -0.80 15.41 2.32
CA GLY A 93 -0.98 15.14 3.73
C GLY A 93 -2.36 14.55 4.01
N GLN A 94 -2.96 14.00 2.97
CA GLN A 94 -4.30 13.44 3.05
C GLN A 94 -4.47 12.33 2.03
N PRO A 95 -5.30 11.31 2.35
CA PRO A 95 -5.60 10.25 1.40
C PRO A 95 -6.43 10.76 0.23
N VAL A 96 -5.75 11.11 -0.85
CA VAL A 96 -6.38 11.66 -2.04
C VAL A 96 -7.38 10.67 -2.65
N PRO A 97 -8.46 11.20 -3.21
CA PRO A 97 -9.45 10.40 -3.93
C PRO A 97 -8.81 9.63 -5.08
N VAL A 98 -8.81 8.32 -4.96
CA VAL A 98 -8.09 7.47 -5.89
C VAL A 98 -8.83 7.39 -7.22
N GLU A 99 -8.21 7.92 -8.26
CA GLU A 99 -8.75 7.82 -9.60
C GLU A 99 -8.42 6.45 -10.18
N CYS A 100 -9.23 6.02 -11.12
CA CYS A 100 -9.05 4.72 -11.79
C CYS A 100 -7.70 4.67 -12.51
N ARG A 101 -7.14 5.85 -12.79
CA ARG A 101 -5.83 5.96 -13.41
C ARG A 101 -4.73 5.48 -12.45
N HIS A 102 -4.91 5.75 -11.17
CA HIS A 102 -3.97 5.27 -10.15
C HIS A 102 -4.29 3.84 -9.76
N ARG A 103 -5.57 3.51 -9.83
CA ARG A 103 -6.05 2.15 -9.57
C ARG A 103 -5.97 1.32 -10.86
N LEU A 104 -4.97 1.62 -11.68
CA LEU A 104 -4.83 1.12 -13.06
C LEU A 104 -4.82 -0.42 -13.19
N GLU A 105 -5.08 -1.16 -12.12
CA GLU A 105 -5.14 -2.61 -12.15
C GLU A 105 -6.03 -3.11 -13.30
N GLY A 1 15.06 3.52 18.36
CA GLY A 1 14.19 4.66 18.73
C GLY A 1 12.72 4.27 18.74
N THR A 2 11.87 5.13 18.19
CA THR A 2 10.45 4.86 18.14
C THR A 2 10.15 3.64 17.27
N PRO A 3 9.30 2.73 17.77
CA PRO A 3 8.88 1.53 17.03
C PRO A 3 8.13 1.90 15.76
N PRO A 4 8.37 1.14 14.67
CA PRO A 4 7.71 1.35 13.36
C PRO A 4 6.23 1.70 13.50
N SER A 5 5.93 2.98 13.35
CA SER A 5 4.61 3.50 13.61
C SER A 5 3.76 3.52 12.34
N THR A 6 2.46 3.54 12.52
CA THR A 6 1.52 3.72 11.43
C THR A 6 0.70 4.98 11.69
N ARG A 7 0.42 5.20 12.97
CA ARG A 7 -0.21 6.43 13.49
C ARG A 7 -1.70 6.47 13.23
N PHE A 8 -2.07 6.33 11.98
CA PHE A 8 -3.43 6.63 11.55
C PHE A 8 -4.01 5.49 10.74
N PRO A 9 -4.92 4.71 11.35
CA PRO A 9 -5.58 3.60 10.69
C PRO A 9 -6.80 4.04 9.89
N GLY A 10 -7.70 3.11 9.60
CA GLY A 10 -8.83 3.41 8.75
C GLY A 10 -8.49 3.11 7.31
N VAL A 11 -7.66 3.95 6.71
CA VAL A 11 -7.10 3.65 5.41
C VAL A 11 -5.83 2.85 5.59
N ALA A 12 -5.93 1.57 5.28
CA ALA A 12 -4.86 0.66 5.54
C ALA A 12 -4.05 0.40 4.28
N ILE A 13 -2.74 0.33 4.44
CA ILE A 13 -1.82 0.27 3.31
C ILE A 13 -0.84 -0.87 3.49
N TYR A 14 -0.67 -1.69 2.48
CA TYR A 14 0.34 -2.73 2.50
C TYR A 14 1.26 -2.53 1.32
N LEU A 15 2.55 -2.53 1.57
CA LEU A 15 3.52 -2.30 0.51
C LEU A 15 4.30 -3.58 0.25
N VAL A 16 4.61 -3.82 -1.02
CA VAL A 16 5.34 -5.02 -1.39
C VAL A 16 6.83 -4.81 -1.18
N GLU A 17 7.37 -5.60 -0.26
CA GLU A 17 8.75 -5.48 0.20
C GLU A 17 9.77 -5.63 -0.94
N PRO A 18 9.73 -6.72 -1.74
CA PRO A 18 10.75 -6.95 -2.77
C PRO A 18 10.51 -6.17 -4.06
N ARG A 19 9.45 -5.36 -4.09
CA ARG A 19 9.11 -4.61 -5.29
C ARG A 19 8.92 -3.14 -4.99
N MET A 20 10.00 -2.48 -4.61
CA MET A 20 9.98 -1.06 -4.31
C MET A 20 11.39 -0.54 -4.11
N GLY A 21 11.73 0.53 -4.82
CA GLY A 21 13.02 1.15 -4.69
C GLY A 21 13.29 1.63 -3.28
N ARG A 22 14.44 1.24 -2.74
CA ARG A 22 14.82 1.56 -1.35
C ARG A 22 14.81 3.06 -1.09
N SER A 23 15.29 3.84 -2.05
CA SER A 23 15.32 5.29 -1.91
C SER A 23 13.93 5.84 -1.57
N ARG A 24 12.95 5.42 -2.36
CA ARG A 24 11.58 5.87 -2.18
C ARG A 24 10.97 5.22 -0.95
N ARG A 25 11.28 3.93 -0.76
CA ARG A 25 10.73 3.17 0.35
C ARG A 25 11.19 3.71 1.68
N ALA A 26 12.27 4.47 1.71
CA ALA A 26 12.80 4.92 2.99
C ALA A 26 12.09 6.21 3.35
N PHE A 27 12.11 7.11 2.37
CA PHE A 27 11.42 8.38 2.46
C PHE A 27 9.91 8.20 2.71
N LEU A 28 9.26 7.28 2.00
CA LEU A 28 7.82 7.09 2.17
C LEU A 28 7.50 6.46 3.53
N THR A 29 8.28 5.47 3.93
CA THR A 29 8.02 4.76 5.17
C THR A 29 8.18 5.70 6.36
N GLY A 30 9.30 6.40 6.41
CA GLY A 30 9.52 7.38 7.46
C GLY A 30 8.49 8.49 7.42
N LEU A 31 8.29 9.06 6.24
CA LEU A 31 7.33 10.14 6.09
C LEU A 31 5.91 9.71 6.45
N ALA A 32 5.40 8.68 5.79
CA ALA A 32 4.01 8.30 5.93
C ALA A 32 3.60 8.03 7.39
N ARG A 33 4.48 7.38 8.14
CA ARG A 33 4.21 7.11 9.56
C ARG A 33 4.14 8.41 10.36
N SER A 34 4.91 9.39 9.93
CA SER A 34 4.93 10.70 10.58
C SER A 34 3.81 11.60 10.05
N LYS A 35 3.16 11.17 8.98
CA LYS A 35 2.09 11.97 8.37
C LYS A 35 0.73 11.52 8.86
N GLY A 36 0.38 10.28 8.57
CA GLY A 36 -0.95 9.79 8.90
C GLY A 36 -1.38 8.63 8.03
N PHE A 37 -0.57 7.59 7.95
CA PHE A 37 -0.88 6.46 7.09
C PHE A 37 -0.52 5.15 7.77
N ARG A 38 -1.49 4.24 7.87
CA ARG A 38 -1.27 3.01 8.59
C ARG A 38 -0.75 1.93 7.67
N VAL A 39 0.51 1.63 7.82
CA VAL A 39 1.10 0.50 7.16
C VAL A 39 0.68 -0.80 7.83
N LEU A 40 -0.04 -1.62 7.08
CA LEU A 40 -0.53 -2.91 7.57
C LEU A 40 0.64 -3.89 7.71
N ASP A 41 1.01 -4.17 8.94
CA ASP A 41 2.13 -5.07 9.23
C ASP A 41 1.69 -6.53 9.28
N ALA A 42 0.80 -6.90 8.37
CA ALA A 42 0.28 -8.26 8.32
C ALA A 42 -0.37 -8.56 6.97
N CYS A 43 -0.44 -9.84 6.64
CA CYS A 43 -1.07 -10.30 5.42
C CYS A 43 -2.58 -10.41 5.60
N SER A 44 -3.20 -9.30 6.00
CA SER A 44 -4.62 -9.27 6.30
C SER A 44 -5.38 -8.46 5.27
N SER A 45 -6.65 -8.77 5.11
CA SER A 45 -7.51 -8.12 4.12
C SER A 45 -7.86 -6.70 4.56
N GLU A 46 -7.48 -6.36 5.78
CA GLU A 46 -7.73 -5.03 6.33
C GLU A 46 -6.99 -3.95 5.54
N ALA A 47 -5.87 -4.35 4.93
CA ALA A 47 -5.05 -3.42 4.16
C ALA A 47 -5.67 -3.19 2.79
N THR A 48 -6.43 -2.11 2.65
CA THR A 48 -7.18 -1.90 1.43
C THR A 48 -6.42 -1.03 0.42
N HIS A 49 -5.09 -1.06 0.50
CA HIS A 49 -4.26 -0.54 -0.60
C HIS A 49 -2.98 -1.32 -0.73
N VAL A 50 -2.69 -1.78 -1.94
CA VAL A 50 -1.39 -2.32 -2.24
C VAL A 50 -0.66 -1.39 -3.19
N VAL A 51 0.42 -0.79 -2.71
CA VAL A 51 1.19 0.19 -3.48
C VAL A 51 2.54 -0.39 -3.83
N MET A 52 2.81 -0.56 -5.11
CA MET A 52 4.07 -1.13 -5.56
C MET A 52 4.86 -0.13 -6.39
N GLU A 53 6.18 -0.27 -6.38
CA GLU A 53 7.07 0.62 -7.11
C GLU A 53 7.75 -0.15 -8.24
N GLU A 54 7.88 0.49 -9.39
CA GLU A 54 8.51 -0.12 -10.56
C GLU A 54 7.78 -1.41 -10.93
N THR A 55 6.48 -1.40 -10.71
CA THR A 55 5.64 -2.57 -10.91
C THR A 55 4.42 -2.20 -11.72
N SER A 56 4.36 -2.64 -12.97
CA SER A 56 3.21 -2.38 -13.82
C SER A 56 1.97 -3.12 -13.32
N ALA A 57 0.84 -2.86 -13.96
CA ALA A 57 -0.45 -3.39 -13.50
C ALA A 57 -0.42 -4.90 -13.38
N GLU A 58 -0.08 -5.59 -14.46
CA GLU A 58 -0.11 -7.05 -14.51
C GLU A 58 0.77 -7.68 -13.42
N GLU A 59 1.95 -7.10 -13.21
CA GLU A 59 2.83 -7.55 -12.14
C GLU A 59 2.12 -7.52 -10.79
N ALA A 60 1.54 -6.38 -10.47
CA ALA A 60 0.82 -6.22 -9.20
C ALA A 60 -0.46 -7.04 -9.20
N VAL A 61 -1.01 -7.30 -10.38
CA VAL A 61 -2.20 -8.14 -10.52
C VAL A 61 -1.86 -9.57 -10.10
N SER A 62 -0.71 -10.04 -10.56
CA SER A 62 -0.24 -11.37 -10.24
C SER A 62 0.10 -11.44 -8.76
N TRP A 63 0.72 -10.38 -8.26
CA TRP A 63 0.98 -10.24 -6.83
C TRP A 63 -0.30 -10.35 -6.00
N GLN A 64 -1.32 -9.58 -6.39
CA GLN A 64 -2.60 -9.59 -5.67
C GLN A 64 -3.19 -10.99 -5.65
N GLU A 65 -3.17 -11.66 -6.79
CA GLU A 65 -3.68 -13.02 -6.92
C GLU A 65 -2.93 -13.97 -6.00
N ARG A 66 -1.65 -13.67 -5.80
CA ARG A 66 -0.80 -14.47 -4.93
C ARG A 66 -1.09 -14.17 -3.45
N ARG A 67 -1.05 -12.88 -3.12
CA ARG A 67 -1.29 -12.43 -1.76
C ARG A 67 -2.62 -12.96 -1.22
N MET A 68 -3.66 -12.87 -2.05
CA MET A 68 -4.99 -13.28 -1.62
C MET A 68 -5.17 -14.79 -1.71
N ALA A 69 -4.34 -15.46 -2.51
CA ALA A 69 -4.38 -16.92 -2.59
C ALA A 69 -3.76 -17.53 -1.34
N ALA A 70 -2.93 -16.76 -0.67
CA ALA A 70 -2.35 -17.17 0.61
C ALA A 70 -3.44 -17.16 1.68
N ALA A 71 -4.48 -16.39 1.43
CA ALA A 71 -5.62 -16.29 2.33
C ALA A 71 -6.76 -17.15 1.80
N PRO A 72 -7.71 -17.52 2.68
CA PRO A 72 -8.90 -18.28 2.27
C PRO A 72 -9.88 -17.41 1.48
N PRO A 73 -10.33 -17.90 0.30
CA PRO A 73 -11.31 -17.19 -0.54
C PRO A 73 -12.54 -16.77 0.24
N GLY A 74 -12.91 -15.51 0.07
CA GLY A 74 -13.95 -14.93 0.89
C GLY A 74 -13.39 -13.74 1.66
N CYS A 75 -12.08 -13.62 1.61
CA CYS A 75 -11.38 -12.49 2.21
C CYS A 75 -11.57 -11.25 1.34
N THR A 76 -11.66 -10.10 1.99
CA THR A 76 -11.89 -8.84 1.29
C THR A 76 -10.68 -8.46 0.45
N PRO A 77 -10.84 -8.38 -0.88
CA PRO A 77 -9.79 -7.94 -1.80
C PRO A 77 -9.48 -6.46 -1.61
N PRO A 78 -8.20 -6.14 -1.35
CA PRO A 78 -7.72 -4.76 -1.23
C PRO A 78 -7.84 -4.00 -2.54
N ALA A 79 -7.19 -2.86 -2.60
CA ALA A 79 -7.19 -2.04 -3.78
C ALA A 79 -5.81 -2.09 -4.41
N LEU A 80 -5.75 -2.54 -5.65
CA LEU A 80 -4.51 -2.60 -6.38
C LEU A 80 -4.19 -1.22 -6.93
N LEU A 81 -2.91 -0.92 -7.07
CA LEU A 81 -2.47 0.47 -7.23
C LEU A 81 -0.96 0.58 -7.17
N ASP A 82 -0.42 1.62 -7.76
CA ASP A 82 1.00 1.88 -7.61
C ASP A 82 1.27 2.93 -6.54
N ILE A 83 2.54 2.99 -6.15
CA ILE A 83 3.01 3.74 -4.99
C ILE A 83 2.80 5.26 -5.14
N SER A 84 2.35 5.67 -6.31
CA SER A 84 2.18 7.09 -6.61
C SER A 84 1.03 7.68 -5.78
N TRP A 85 0.01 6.88 -5.49
CA TRP A 85 -1.07 7.31 -4.61
C TRP A 85 -0.52 7.77 -3.27
N LEU A 86 0.43 7.01 -2.76
CA LEU A 86 0.99 7.26 -1.45
C LEU A 86 1.82 8.54 -1.44
N THR A 87 2.71 8.67 -2.39
CA THR A 87 3.56 9.85 -2.48
C THR A 87 2.74 11.13 -2.71
N GLU A 88 1.65 11.04 -3.48
CA GLU A 88 0.78 12.19 -3.67
C GLU A 88 0.03 12.49 -2.38
N SER A 89 -0.38 11.45 -1.68
CA SER A 89 -1.01 11.60 -0.37
C SER A 89 -0.04 12.27 0.61
N LEU A 90 1.23 11.87 0.58
CA LEU A 90 2.28 12.51 1.38
C LEU A 90 2.47 13.98 0.98
N GLY A 91 2.00 14.31 -0.22
CA GLY A 91 2.15 15.66 -0.72
C GLY A 91 0.98 16.53 -0.30
N ALA A 92 -0.21 15.95 -0.29
CA ALA A 92 -1.41 16.67 0.11
C ALA A 92 -1.58 16.68 1.63
N GLY A 93 -1.06 15.66 2.28
CA GLY A 93 -1.13 15.59 3.73
C GLY A 93 -2.25 14.70 4.21
N GLN A 94 -2.83 13.92 3.30
CA GLN A 94 -3.91 13.01 3.62
C GLN A 94 -4.09 12.02 2.48
N PRO A 95 -4.75 10.87 2.73
CA PRO A 95 -5.01 9.87 1.70
C PRO A 95 -5.89 10.41 0.58
N VAL A 96 -5.29 10.59 -0.59
CA VAL A 96 -6.00 11.13 -1.74
C VAL A 96 -6.92 10.06 -2.36
N PRO A 97 -7.99 10.51 -3.05
CA PRO A 97 -8.91 9.62 -3.74
C PRO A 97 -8.25 8.94 -4.93
N VAL A 98 -8.17 7.61 -4.87
CA VAL A 98 -7.50 6.85 -5.90
C VAL A 98 -8.41 6.65 -7.11
N GLU A 99 -7.98 7.20 -8.24
CA GLU A 99 -8.69 7.00 -9.50
C GLU A 99 -8.25 5.69 -10.14
N CYS A 100 -8.94 5.28 -11.19
CA CYS A 100 -8.59 4.07 -11.91
C CYS A 100 -7.19 4.19 -12.53
N ARG A 101 -6.73 5.43 -12.68
CA ARG A 101 -5.39 5.70 -13.17
C ARG A 101 -4.33 5.04 -12.27
N HIS A 102 -4.59 5.05 -10.96
CA HIS A 102 -3.65 4.44 -10.01
C HIS A 102 -4.11 3.06 -9.63
N ARG A 103 -5.43 2.84 -9.64
CA ARG A 103 -6.02 1.53 -9.42
C ARG A 103 -5.91 0.70 -10.71
N LEU A 104 -4.85 0.96 -11.47
CA LEU A 104 -4.72 0.54 -12.87
C LEU A 104 -4.73 -0.98 -13.11
N GLU A 105 -5.16 -1.78 -12.14
CA GLU A 105 -5.30 -3.21 -12.36
C GLU A 105 -6.29 -3.47 -13.51
N GLY A 1 15.52 -4.59 12.20
CA GLY A 1 14.10 -4.72 12.60
C GLY A 1 13.48 -3.39 12.92
N THR A 2 12.60 -2.91 12.05
CA THR A 2 11.88 -1.68 12.29
C THR A 2 10.51 -1.98 12.89
N PRO A 3 10.23 -1.46 14.08
CA PRO A 3 8.97 -1.69 14.79
C PRO A 3 7.77 -1.18 13.98
N PRO A 4 6.59 -1.80 14.16
CA PRO A 4 5.36 -1.41 13.46
C PRO A 4 4.82 -0.07 13.95
N SER A 5 5.61 0.98 13.73
CA SER A 5 5.21 2.32 14.09
C SER A 5 4.13 2.83 13.12
N THR A 6 2.89 2.72 13.53
CA THR A 6 1.78 3.18 12.71
C THR A 6 1.05 4.32 13.42
N ARG A 7 0.37 5.18 12.67
CA ARG A 7 -0.28 6.34 13.28
C ARG A 7 -1.80 6.27 13.15
N PHE A 8 -2.32 6.62 11.97
CA PHE A 8 -3.75 6.65 11.76
C PHE A 8 -4.23 5.35 11.13
N PRO A 9 -4.91 4.50 11.90
CA PRO A 9 -5.31 3.16 11.46
C PRO A 9 -6.46 3.17 10.47
N GLY A 10 -7.12 4.32 10.32
CA GLY A 10 -8.21 4.45 9.35
C GLY A 10 -7.75 4.20 7.93
N VAL A 11 -6.47 4.44 7.67
CA VAL A 11 -5.88 4.11 6.39
C VAL A 11 -4.65 3.23 6.62
N ALA A 12 -4.74 1.99 6.18
CA ALA A 12 -3.60 1.08 6.27
C ALA A 12 -3.00 0.89 4.89
N ILE A 13 -1.71 0.65 4.85
CA ILE A 13 -0.98 0.71 3.59
C ILE A 13 -0.14 -0.53 3.40
N TYR A 14 -0.25 -1.12 2.24
CA TYR A 14 0.46 -2.35 1.93
C TYR A 14 1.51 -2.06 0.88
N LEU A 15 2.78 -2.21 1.26
CA LEU A 15 3.87 -1.85 0.37
C LEU A 15 4.51 -3.12 -0.11
N VAL A 16 4.43 -3.37 -1.41
CA VAL A 16 5.04 -4.56 -1.97
C VAL A 16 6.56 -4.41 -1.97
N GLU A 17 7.15 -4.72 -0.83
CA GLU A 17 8.60 -4.57 -0.64
C GLU A 17 9.43 -5.39 -1.65
N PRO A 18 9.02 -6.64 -2.01
CA PRO A 18 9.67 -7.40 -3.08
C PRO A 18 9.59 -6.71 -4.44
N ARG A 19 8.86 -5.61 -4.48
CA ARG A 19 8.67 -4.82 -5.69
C ARG A 19 8.68 -3.34 -5.33
N MET A 20 9.62 -2.96 -4.47
CA MET A 20 9.74 -1.61 -3.97
C MET A 20 11.16 -1.34 -3.49
N GLY A 21 11.74 -0.27 -3.96
CA GLY A 21 13.05 0.13 -3.48
C GLY A 21 13.00 0.56 -2.03
N ARG A 22 13.91 0.03 -1.22
CA ARG A 22 13.93 0.32 0.22
C ARG A 22 14.20 1.80 0.49
N SER A 23 14.93 2.45 -0.39
CA SER A 23 15.18 3.87 -0.24
C SER A 23 13.85 4.63 -0.28
N ARG A 24 13.00 4.23 -1.21
CA ARG A 24 11.66 4.82 -1.33
C ARG A 24 10.77 4.27 -0.22
N ARG A 25 10.94 2.99 0.08
CA ARG A 25 10.18 2.33 1.13
C ARG A 25 10.32 3.12 2.42
N ALA A 26 11.56 3.26 2.89
CA ALA A 26 11.84 4.05 4.08
C ALA A 26 11.21 5.43 4.01
N PHE A 27 11.47 6.14 2.92
CA PHE A 27 10.98 7.49 2.71
C PHE A 27 9.44 7.57 2.82
N LEU A 28 8.73 6.67 2.13
CA LEU A 28 7.27 6.64 2.20
C LEU A 28 6.80 6.15 3.55
N THR A 29 7.65 5.44 4.27
CA THR A 29 7.25 4.90 5.55
C THR A 29 7.30 6.01 6.59
N GLY A 30 8.47 6.60 6.76
CA GLY A 30 8.63 7.72 7.66
C GLY A 30 7.67 8.86 7.36
N LEU A 31 7.42 9.08 6.08
CA LEU A 31 6.53 10.16 5.69
C LEU A 31 5.10 9.80 6.00
N ALA A 32 4.66 8.64 5.52
CA ALA A 32 3.27 8.21 5.69
C ALA A 32 2.85 8.17 7.16
N ARG A 33 3.76 7.71 8.02
CA ARG A 33 3.49 7.66 9.45
C ARG A 33 3.17 9.05 9.98
N SER A 34 3.96 10.03 9.57
CA SER A 34 3.80 11.39 10.05
C SER A 34 2.66 12.11 9.32
N LYS A 35 2.20 11.56 8.21
CA LYS A 35 1.17 12.21 7.41
C LYS A 35 -0.22 11.99 8.00
N GLY A 36 -0.66 10.75 8.11
CA GLY A 36 -2.00 10.48 8.61
C GLY A 36 -2.52 9.11 8.18
N PHE A 37 -1.61 8.14 8.10
CA PHE A 37 -1.97 6.75 7.84
C PHE A 37 -1.09 5.87 8.68
N ARG A 38 -1.47 4.62 8.94
CA ARG A 38 -0.56 3.67 9.53
C ARG A 38 0.22 2.93 8.47
N VAL A 39 0.89 1.86 8.89
CA VAL A 39 1.69 1.06 8.00
C VAL A 39 1.33 -0.41 8.20
N LEU A 40 0.82 -1.04 7.16
CA LEU A 40 0.34 -2.40 7.28
C LEU A 40 1.48 -3.38 7.00
N ASP A 41 1.65 -4.33 7.92
CA ASP A 41 2.73 -5.30 7.82
C ASP A 41 2.38 -6.41 6.81
N ALA A 42 3.33 -7.27 6.50
CA ALA A 42 3.15 -8.29 5.48
C ALA A 42 2.27 -9.42 6.00
N CYS A 43 1.70 -10.17 5.05
CA CYS A 43 0.81 -11.31 5.35
C CYS A 43 -0.57 -10.85 5.80
N SER A 44 -0.62 -9.76 6.56
CA SER A 44 -1.89 -9.24 7.08
C SER A 44 -2.75 -8.67 5.96
N SER A 45 -4.06 -8.88 6.06
CA SER A 45 -5.00 -8.49 5.01
C SER A 45 -5.77 -7.23 5.38
N GLU A 46 -5.41 -6.59 6.50
CA GLU A 46 -6.18 -5.45 7.01
C GLU A 46 -5.77 -4.14 6.33
N ALA A 47 -4.95 -4.22 5.31
CA ALA A 47 -4.59 -3.05 4.52
C ALA A 47 -5.72 -2.69 3.57
N THR A 48 -5.81 -1.42 3.19
CA THR A 48 -6.82 -1.05 2.21
C THR A 48 -6.19 -0.21 1.09
N HIS A 49 -4.91 -0.45 0.85
CA HIS A 49 -4.23 0.07 -0.34
C HIS A 49 -2.95 -0.69 -0.59
N VAL A 50 -2.99 -1.52 -1.60
CA VAL A 50 -1.81 -2.18 -2.10
C VAL A 50 -1.13 -1.28 -3.12
N VAL A 51 0.15 -1.04 -2.88
CA VAL A 51 0.97 -0.15 -3.70
C VAL A 51 2.34 -0.79 -3.94
N MET A 52 2.90 -0.54 -5.10
CA MET A 52 4.17 -1.12 -5.49
C MET A 52 4.84 -0.24 -6.52
N GLU A 53 6.12 -0.45 -6.75
CA GLU A 53 6.87 0.33 -7.72
C GLU A 53 7.32 -0.54 -8.89
N GLU A 54 7.54 0.07 -10.05
CA GLU A 54 8.09 -0.62 -11.23
C GLU A 54 7.13 -1.71 -11.72
N THR A 55 5.83 -1.46 -11.57
CA THR A 55 4.85 -2.50 -11.84
C THR A 55 3.73 -2.01 -12.74
N SER A 56 3.43 -2.79 -13.77
CA SER A 56 2.25 -2.56 -14.58
C SER A 56 1.11 -3.41 -14.04
N ALA A 57 -0.07 -3.28 -14.65
CA ALA A 57 -1.26 -3.97 -14.19
C ALA A 57 -1.02 -5.47 -13.95
N GLU A 58 -0.63 -6.18 -15.01
CA GLU A 58 -0.43 -7.63 -14.98
C GLU A 58 0.40 -8.07 -13.79
N GLU A 59 1.62 -7.57 -13.75
CA GLU A 59 2.56 -7.88 -12.65
C GLU A 59 1.89 -7.77 -11.28
N ALA A 60 1.19 -6.68 -11.04
CA ALA A 60 0.53 -6.45 -9.75
C ALA A 60 -0.69 -7.35 -9.59
N VAL A 61 -1.27 -7.78 -10.70
CA VAL A 61 -2.37 -8.72 -10.66
C VAL A 61 -1.89 -10.09 -10.18
N SER A 62 -0.76 -10.54 -10.71
CA SER A 62 -0.12 -11.77 -10.21
C SER A 62 0.24 -11.59 -8.73
N TRP A 63 0.80 -10.43 -8.42
CA TRP A 63 1.02 -10.05 -7.04
C TRP A 63 -0.28 -10.17 -6.22
N GLN A 64 -1.37 -9.65 -6.77
CA GLN A 64 -2.68 -9.76 -6.15
C GLN A 64 -3.06 -11.22 -5.88
N GLU A 65 -2.64 -12.09 -6.78
CA GLU A 65 -2.85 -13.52 -6.61
C GLU A 65 -2.16 -14.04 -5.36
N ARG A 66 -0.92 -13.62 -5.14
CA ARG A 66 -0.20 -13.98 -3.91
C ARG A 66 -0.94 -13.45 -2.69
N ARG A 67 -1.45 -12.23 -2.81
CA ARG A 67 -2.27 -11.62 -1.77
C ARG A 67 -3.50 -12.51 -1.49
N MET A 68 -4.18 -12.88 -2.56
CA MET A 68 -5.34 -13.77 -2.47
C MET A 68 -4.99 -15.11 -1.84
N ALA A 69 -3.89 -15.72 -2.29
CA ALA A 69 -3.43 -17.00 -1.76
C ALA A 69 -3.18 -16.95 -0.25
N ALA A 70 -2.92 -15.75 0.28
CA ALA A 70 -2.66 -15.59 1.69
C ALA A 70 -3.94 -15.25 2.44
N ALA A 71 -5.00 -15.00 1.70
CA ALA A 71 -6.28 -14.63 2.27
C ALA A 71 -7.22 -15.84 2.29
N PRO A 72 -8.17 -15.87 3.23
CA PRO A 72 -9.19 -16.92 3.28
C PRO A 72 -10.19 -16.80 2.13
N PRO A 73 -10.42 -17.89 1.39
CA PRO A 73 -11.35 -17.91 0.26
C PRO A 73 -12.73 -17.38 0.63
N GLY A 74 -13.14 -16.32 -0.02
CA GLY A 74 -14.36 -15.64 0.31
C GLY A 74 -14.10 -14.20 0.64
N CYS A 75 -12.84 -13.90 0.95
CA CYS A 75 -12.43 -12.53 1.25
C CYS A 75 -12.06 -11.81 -0.03
N THR A 76 -12.44 -10.54 -0.11
CA THR A 76 -12.12 -9.69 -1.24
C THR A 76 -10.77 -9.03 -1.05
N PRO A 77 -10.05 -8.77 -2.15
CA PRO A 77 -8.75 -8.10 -2.11
C PRO A 77 -8.89 -6.59 -1.93
N PRO A 78 -7.94 -5.97 -1.23
CA PRO A 78 -7.91 -4.51 -1.07
C PRO A 78 -7.44 -3.83 -2.36
N ALA A 79 -7.52 -2.52 -2.40
CA ALA A 79 -7.21 -1.75 -3.60
C ALA A 79 -5.87 -2.11 -4.21
N LEU A 80 -5.92 -2.73 -5.38
CA LEU A 80 -4.72 -3.01 -6.15
C LEU A 80 -4.41 -1.79 -7.01
N LEU A 81 -3.21 -1.25 -6.81
CA LEU A 81 -2.83 0.01 -7.45
C LEU A 81 -1.35 0.29 -7.19
N ASP A 82 -0.88 1.45 -7.62
CA ASP A 82 0.54 1.73 -7.67
C ASP A 82 0.94 2.73 -6.57
N ILE A 83 2.22 2.68 -6.18
CA ILE A 83 2.79 3.54 -5.13
C ILE A 83 2.56 5.04 -5.42
N SER A 84 2.16 5.34 -6.64
CA SER A 84 1.92 6.72 -7.06
C SER A 84 0.73 7.34 -6.31
N TRP A 85 -0.15 6.50 -5.75
CA TRP A 85 -1.22 6.99 -4.89
C TRP A 85 -0.64 7.52 -3.59
N LEU A 86 0.43 6.90 -3.14
CA LEU A 86 0.93 7.14 -1.81
C LEU A 86 1.77 8.39 -1.76
N THR A 87 2.55 8.61 -2.80
CA THR A 87 3.43 9.75 -2.84
C THR A 87 2.65 11.07 -2.78
N GLU A 88 1.65 11.21 -3.64
CA GLU A 88 0.76 12.37 -3.60
C GLU A 88 0.05 12.51 -2.25
N SER A 89 -0.68 11.47 -1.83
CA SER A 89 -1.34 11.48 -0.52
C SER A 89 -0.39 11.91 0.61
N LEU A 90 0.86 11.47 0.53
CA LEU A 90 1.89 11.92 1.48
C LEU A 90 2.10 13.43 1.40
N GLY A 91 2.24 13.92 0.19
CA GLY A 91 2.46 15.34 -0.01
C GLY A 91 1.32 16.18 0.54
N ALA A 92 0.10 15.80 0.17
CA ALA A 92 -1.10 16.49 0.66
C ALA A 92 -1.27 16.35 2.17
N GLY A 93 -0.85 15.21 2.70
CA GLY A 93 -0.96 14.96 4.13
C GLY A 93 -2.31 14.39 4.50
N GLN A 94 -2.98 13.80 3.52
CA GLN A 94 -4.30 13.23 3.70
C GLN A 94 -4.57 12.21 2.59
N PRO A 95 -5.38 11.17 2.88
CA PRO A 95 -5.68 10.11 1.91
C PRO A 95 -6.50 10.62 0.74
N VAL A 96 -5.81 10.95 -0.34
CA VAL A 96 -6.45 11.42 -1.55
C VAL A 96 -7.22 10.29 -2.22
N PRO A 97 -8.34 10.62 -2.86
CA PRO A 97 -9.13 9.65 -3.63
C PRO A 97 -8.31 9.11 -4.80
N VAL A 98 -8.18 7.80 -4.87
CA VAL A 98 -7.36 7.16 -5.90
C VAL A 98 -7.88 7.44 -7.30
N GLU A 99 -7.14 8.23 -8.04
CA GLU A 99 -7.42 8.49 -9.43
C GLU A 99 -7.18 7.21 -10.23
N CYS A 100 -8.03 7.00 -11.23
CA CYS A 100 -8.04 5.75 -12.01
C CYS A 100 -6.71 5.50 -12.70
N ARG A 101 -5.92 6.56 -12.93
CA ARG A 101 -4.58 6.42 -13.49
C ARG A 101 -3.69 5.58 -12.59
N HIS A 102 -3.93 5.65 -11.28
CA HIS A 102 -3.12 4.90 -10.32
C HIS A 102 -3.78 3.57 -10.00
N ARG A 103 -4.95 3.34 -10.59
CA ARG A 103 -5.79 2.19 -10.27
C ARG A 103 -5.57 1.05 -11.28
N LEU A 104 -4.37 1.01 -11.86
CA LEU A 104 -4.09 0.15 -13.01
C LEU A 104 -4.00 -1.35 -12.66
N GLU A 105 -5.16 -1.98 -12.52
CA GLU A 105 -5.24 -3.42 -12.54
C GLU A 105 -6.08 -3.87 -13.73
N GLY A 1 7.14 12.87 23.26
CA GLY A 1 5.89 12.65 22.50
C GLY A 1 5.82 11.25 21.92
N THR A 2 4.68 10.91 21.33
CA THR A 2 4.51 9.61 20.71
C THR A 2 4.86 9.67 19.23
N PRO A 3 5.86 8.88 18.80
CA PRO A 3 6.26 8.79 17.40
C PRO A 3 5.09 8.39 16.50
N PRO A 4 4.89 9.12 15.39
CA PRO A 4 3.82 8.84 14.45
C PRO A 4 3.95 7.44 13.85
N SER A 5 3.00 6.57 14.17
CA SER A 5 3.05 5.20 13.70
C SER A 5 1.67 4.75 13.20
N THR A 6 1.50 4.83 11.88
CA THR A 6 0.27 4.37 11.19
C THR A 6 -0.98 4.89 11.92
N ARG A 7 -1.14 6.22 11.94
CA ARG A 7 -2.14 6.86 12.80
C ARG A 7 -3.56 6.76 12.27
N PHE A 8 -3.75 6.70 10.96
CA PHE A 8 -5.08 6.50 10.39
C PHE A 8 -5.22 5.06 9.90
N PRO A 9 -5.66 4.15 10.77
CA PRO A 9 -5.66 2.72 10.47
C PRO A 9 -6.81 2.30 9.56
N GLY A 10 -7.70 3.23 9.25
CA GLY A 10 -8.74 2.95 8.27
C GLY A 10 -8.14 2.65 6.91
N VAL A 11 -7.25 3.52 6.46
CA VAL A 11 -6.49 3.28 5.26
C VAL A 11 -5.34 2.33 5.56
N ALA A 12 -5.35 1.15 4.95
CA ALA A 12 -4.30 0.18 5.17
C ALA A 12 -3.43 0.08 3.93
N ILE A 13 -2.18 0.45 4.08
CA ILE A 13 -1.29 0.60 2.95
C ILE A 13 -0.14 -0.38 3.07
N TYR A 14 -0.07 -1.37 2.19
CA TYR A 14 1.03 -2.29 2.22
C TYR A 14 1.84 -2.15 0.95
N LEU A 15 3.14 -2.04 1.10
CA LEU A 15 4.04 -1.91 -0.04
C LEU A 15 4.69 -3.25 -0.29
N VAL A 16 4.89 -3.59 -1.55
CA VAL A 16 5.52 -4.85 -1.90
C VAL A 16 7.02 -4.74 -1.78
N GLU A 17 7.50 -5.05 -0.59
CA GLU A 17 8.92 -4.97 -0.28
C GLU A 17 9.77 -5.82 -1.22
N PRO A 18 9.40 -7.09 -1.51
CA PRO A 18 10.12 -7.93 -2.48
C PRO A 18 9.82 -7.51 -3.93
N ARG A 19 9.93 -6.22 -4.21
CA ARG A 19 9.72 -5.66 -5.54
C ARG A 19 10.04 -4.18 -5.53
N MET A 20 9.62 -3.51 -4.46
CA MET A 20 9.95 -2.10 -4.25
C MET A 20 11.32 -1.96 -3.62
N GLY A 21 11.45 -2.41 -2.37
CA GLY A 21 12.71 -2.34 -1.68
C GLY A 21 12.65 -1.47 -0.44
N ARG A 22 13.76 -1.40 0.27
CA ARG A 22 13.83 -0.65 1.51
C ARG A 22 14.06 0.84 1.22
N SER A 23 14.63 1.12 0.05
CA SER A 23 15.02 2.46 -0.33
C SER A 23 13.82 3.41 -0.35
N ARG A 24 12.81 3.08 -1.14
CA ARG A 24 11.62 3.92 -1.19
C ARG A 24 10.78 3.67 0.04
N ARG A 25 10.80 2.42 0.51
CA ARG A 25 10.01 2.03 1.67
C ARG A 25 10.28 2.96 2.83
N ALA A 26 11.53 3.04 3.26
CA ALA A 26 11.91 3.85 4.41
C ALA A 26 11.56 5.31 4.18
N PHE A 27 11.94 5.82 3.00
CA PHE A 27 11.68 7.20 2.64
C PHE A 27 10.19 7.56 2.76
N LEU A 28 9.31 6.69 2.29
CA LEU A 28 7.88 6.95 2.41
C LEU A 28 7.38 6.57 3.79
N THR A 29 8.05 5.63 4.46
CA THR A 29 7.61 5.21 5.78
C THR A 29 7.68 6.37 6.76
N GLY A 30 8.86 6.97 6.88
CA GLY A 30 9.00 8.12 7.76
C GLY A 30 8.08 9.25 7.37
N LEU A 31 8.02 9.52 6.07
CA LEU A 31 7.16 10.57 5.55
C LEU A 31 5.69 10.29 5.87
N ALA A 32 5.21 9.14 5.40
CA ALA A 32 3.80 8.79 5.52
C ALA A 32 3.33 8.68 6.96
N ARG A 33 4.20 8.19 7.84
CA ARG A 33 3.87 8.08 9.26
C ARG A 33 3.60 9.45 9.85
N SER A 34 4.47 10.40 9.50
CA SER A 34 4.37 11.75 10.03
C SER A 34 3.21 12.50 9.39
N LYS A 35 2.84 12.09 8.18
CA LYS A 35 1.74 12.71 7.45
C LYS A 35 0.40 12.34 8.07
N GLY A 36 0.10 11.05 8.10
CA GLY A 36 -1.19 10.62 8.60
C GLY A 36 -1.65 9.30 8.02
N PHE A 37 -0.75 8.34 7.85
CA PHE A 37 -1.12 7.12 7.13
C PHE A 37 -0.74 5.86 7.89
N ARG A 38 -1.56 4.82 7.72
CA ARG A 38 -1.30 3.53 8.31
C ARG A 38 -0.62 2.61 7.33
N VAL A 39 0.63 2.37 7.55
CA VAL A 39 1.30 1.30 6.87
C VAL A 39 0.86 -0.05 7.41
N LEU A 40 0.38 -0.88 6.51
CA LEU A 40 -0.15 -2.19 6.83
C LEU A 40 0.98 -3.22 6.73
N ASP A 41 1.09 -4.09 7.72
CA ASP A 41 2.20 -5.04 7.79
C ASP A 41 1.90 -6.31 7.00
N ALA A 42 2.88 -7.20 6.94
CA ALA A 42 2.78 -8.40 6.12
C ALA A 42 1.93 -9.46 6.82
N CYS A 43 1.45 -10.41 6.02
CA CYS A 43 0.63 -11.52 6.51
C CYS A 43 -0.75 -11.04 6.94
N SER A 44 -1.04 -9.78 6.67
CA SER A 44 -2.35 -9.23 6.95
C SER A 44 -3.09 -8.97 5.66
N SER A 45 -4.28 -9.54 5.54
CA SER A 45 -5.12 -9.33 4.38
C SER A 45 -6.06 -8.15 4.62
N GLU A 46 -5.86 -7.49 5.74
CA GLU A 46 -6.67 -6.33 6.14
C GLU A 46 -6.23 -5.09 5.36
N ALA A 47 -5.31 -5.27 4.43
CA ALA A 47 -4.83 -4.18 3.61
C ALA A 47 -5.90 -3.70 2.63
N THR A 48 -5.89 -2.41 2.37
CA THR A 48 -6.80 -1.81 1.42
C THR A 48 -6.10 -0.70 0.66
N HIS A 49 -5.03 -1.08 -0.07
CA HIS A 49 -4.12 -0.13 -0.74
C HIS A 49 -2.76 -0.78 -0.99
N VAL A 50 -2.56 -1.40 -2.15
CA VAL A 50 -1.26 -1.92 -2.51
C VAL A 50 -0.59 -0.98 -3.51
N VAL A 51 0.43 -0.27 -3.04
CA VAL A 51 1.11 0.71 -3.86
C VAL A 51 2.52 0.22 -4.21
N MET A 52 2.70 -0.14 -5.47
CA MET A 52 3.99 -0.69 -5.94
C MET A 52 4.68 0.26 -6.90
N GLU A 53 6.00 0.34 -6.83
CA GLU A 53 6.78 1.11 -7.78
C GLU A 53 7.39 0.18 -8.81
N GLU A 54 7.66 0.70 -10.00
CA GLU A 54 8.22 -0.09 -11.11
C GLU A 54 7.28 -1.24 -11.48
N THR A 55 6.02 -1.12 -11.11
CA THR A 55 5.08 -2.20 -11.28
C THR A 55 3.89 -1.78 -12.14
N SER A 56 3.68 -2.49 -13.23
CA SER A 56 2.54 -2.24 -14.09
C SER A 56 1.27 -2.88 -13.52
N ALA A 57 0.18 -2.76 -14.27
CA ALA A 57 -1.12 -3.25 -13.82
C ALA A 57 -1.08 -4.75 -13.50
N GLU A 58 -0.79 -5.53 -14.51
CA GLU A 58 -0.87 -6.98 -14.42
C GLU A 58 0.23 -7.55 -13.52
N GLU A 59 1.41 -6.93 -13.53
CA GLU A 59 2.43 -7.19 -12.51
C GLU A 59 1.84 -7.23 -11.11
N ALA A 60 1.21 -6.14 -10.71
CA ALA A 60 0.62 -6.05 -9.38
C ALA A 60 -0.62 -6.93 -9.25
N VAL A 61 -1.23 -7.28 -10.38
CA VAL A 61 -2.38 -8.17 -10.38
C VAL A 61 -1.94 -9.59 -10.04
N SER A 62 -0.78 -9.97 -10.56
CA SER A 62 -0.18 -11.25 -10.21
C SER A 62 0.20 -11.26 -8.73
N TRP A 63 0.81 -10.17 -8.28
CA TRP A 63 1.04 -9.97 -6.86
C TRP A 63 -0.26 -10.05 -6.05
N GLN A 64 -1.33 -9.51 -6.59
CA GLN A 64 -2.65 -9.58 -5.96
C GLN A 64 -3.06 -11.04 -5.72
N GLU A 65 -2.60 -11.91 -6.61
CA GLU A 65 -2.85 -13.34 -6.46
C GLU A 65 -2.05 -13.89 -5.28
N ARG A 66 -0.92 -13.28 -4.97
CA ARG A 66 -0.14 -13.63 -3.79
C ARG A 66 -0.85 -13.10 -2.53
N ARG A 67 -1.60 -12.02 -2.72
CA ARG A 67 -2.43 -11.47 -1.65
C ARG A 67 -3.53 -12.46 -1.31
N MET A 68 -4.20 -12.91 -2.36
CA MET A 68 -5.31 -13.85 -2.21
C MET A 68 -4.82 -15.22 -1.73
N ALA A 69 -3.64 -15.63 -2.15
CA ALA A 69 -3.07 -16.90 -1.71
C ALA A 69 -2.90 -16.96 -0.20
N ALA A 70 -2.70 -15.81 0.42
CA ALA A 70 -2.51 -15.76 1.87
C ALA A 70 -3.86 -15.70 2.60
N ALA A 71 -4.88 -15.25 1.89
CA ALA A 71 -6.20 -15.08 2.48
C ALA A 71 -7.11 -16.24 2.13
N PRO A 72 -7.88 -16.74 3.10
CA PRO A 72 -8.89 -17.77 2.85
C PRO A 72 -9.90 -17.31 1.82
N PRO A 73 -10.00 -18.02 0.68
CA PRO A 73 -10.88 -17.65 -0.44
C PRO A 73 -12.25 -17.18 0.00
N GLY A 74 -12.56 -15.94 -0.34
CA GLY A 74 -13.76 -15.31 0.13
C GLY A 74 -13.45 -13.94 0.71
N CYS A 75 -12.20 -13.75 1.10
CA CYS A 75 -11.74 -12.47 1.60
C CYS A 75 -11.66 -11.44 0.47
N THR A 76 -12.20 -10.25 0.71
CA THR A 76 -12.20 -9.18 -0.27
C THR A 76 -10.79 -8.70 -0.58
N PRO A 77 -10.42 -8.69 -1.88
CA PRO A 77 -9.13 -8.19 -2.36
C PRO A 77 -8.95 -6.70 -2.05
N PRO A 78 -7.72 -6.30 -1.72
CA PRO A 78 -7.39 -4.90 -1.40
C PRO A 78 -7.45 -3.99 -2.62
N ALA A 79 -7.01 -2.75 -2.43
CA ALA A 79 -7.00 -1.78 -3.51
C ALA A 79 -5.69 -1.87 -4.25
N LEU A 80 -5.71 -2.57 -5.37
CA LEU A 80 -4.53 -2.71 -6.22
C LEU A 80 -4.28 -1.39 -6.93
N LEU A 81 -3.02 -1.07 -7.25
CA LEU A 81 -2.66 0.31 -7.56
C LEU A 81 -1.23 0.38 -8.08
N ASP A 82 -0.74 1.61 -8.14
CA ASP A 82 0.66 1.91 -8.36
C ASP A 82 1.13 2.69 -7.12
N ILE A 83 2.27 3.36 -7.14
CA ILE A 83 2.82 3.86 -5.87
C ILE A 83 2.50 5.35 -5.73
N SER A 84 1.96 5.93 -6.82
CA SER A 84 1.77 7.37 -6.91
C SER A 84 0.65 7.86 -6.00
N TRP A 85 -0.33 7.00 -5.70
CA TRP A 85 -1.41 7.38 -4.80
C TRP A 85 -0.86 7.88 -3.46
N LEU A 86 0.11 7.14 -2.92
CA LEU A 86 0.63 7.46 -1.61
C LEU A 86 1.46 8.72 -1.66
N THR A 87 2.35 8.80 -2.65
CA THR A 87 3.14 10.01 -2.86
C THR A 87 2.26 11.24 -3.08
N GLU A 88 1.09 11.07 -3.73
CA GLU A 88 0.12 12.16 -3.84
C GLU A 88 -0.41 12.53 -2.45
N SER A 89 -0.78 11.50 -1.68
CA SER A 89 -1.31 11.70 -0.34
C SER A 89 -0.27 12.40 0.54
N LEU A 90 0.98 11.91 0.50
CA LEU A 90 2.10 12.56 1.18
C LEU A 90 2.24 14.03 0.80
N GLY A 91 1.80 14.37 -0.40
CA GLY A 91 1.95 15.72 -0.89
C GLY A 91 0.91 16.64 -0.28
N ALA A 92 -0.32 16.13 -0.15
CA ALA A 92 -1.42 16.92 0.38
C ALA A 92 -1.47 16.87 1.91
N GLY A 93 -1.01 15.76 2.47
CA GLY A 93 -1.03 15.60 3.91
C GLY A 93 -2.24 14.82 4.37
N GLN A 94 -2.92 14.20 3.42
CA GLN A 94 -4.12 13.43 3.69
C GLN A 94 -4.32 12.42 2.56
N PRO A 95 -5.00 11.29 2.83
CA PRO A 95 -5.25 10.27 1.82
C PRO A 95 -6.16 10.79 0.71
N VAL A 96 -5.57 11.01 -0.45
CA VAL A 96 -6.29 11.57 -1.59
C VAL A 96 -7.23 10.53 -2.19
N PRO A 97 -8.33 11.00 -2.83
CA PRO A 97 -9.28 10.13 -3.52
C PRO A 97 -8.59 9.31 -4.61
N VAL A 98 -8.55 8.01 -4.40
CA VAL A 98 -7.87 7.12 -5.33
C VAL A 98 -8.57 7.06 -6.68
N GLU A 99 -7.93 7.63 -7.68
CA GLU A 99 -8.41 7.54 -9.06
C GLU A 99 -8.21 6.14 -9.58
N CYS A 100 -9.17 5.67 -10.37
CA CYS A 100 -9.08 4.38 -11.05
C CYS A 100 -7.84 4.37 -11.96
N ARG A 101 -7.38 5.57 -12.31
CA ARG A 101 -6.18 5.73 -13.13
C ARG A 101 -4.93 5.30 -12.35
N HIS A 102 -4.98 5.40 -11.03
CA HIS A 102 -3.87 4.95 -10.18
C HIS A 102 -4.20 3.57 -9.62
N ARG A 103 -5.48 3.24 -9.67
CA ARG A 103 -5.99 1.92 -9.36
C ARG A 103 -5.91 1.06 -10.62
N LEU A 104 -4.87 1.30 -11.41
CA LEU A 104 -4.78 0.83 -12.81
C LEU A 104 -4.81 -0.70 -12.98
N GLU A 105 -5.05 -1.43 -11.89
CA GLU A 105 -5.27 -2.89 -11.94
C GLU A 105 -6.21 -3.27 -13.10
N GLY A 1 -6.15 5.27 20.42
CA GLY A 1 -4.74 5.59 20.08
C GLY A 1 -4.06 4.43 19.40
N THR A 2 -2.99 4.72 18.67
CA THR A 2 -2.28 3.71 17.93
C THR A 2 -0.80 3.71 18.29
N PRO A 3 -0.14 2.54 18.20
CA PRO A 3 1.31 2.43 18.34
C PRO A 3 2.01 3.22 17.24
N PRO A 4 3.19 3.79 17.55
CA PRO A 4 3.91 4.73 16.65
C PRO A 4 4.18 4.17 15.26
N SER A 5 4.03 2.86 15.11
CA SER A 5 4.20 2.20 13.82
C SER A 5 3.20 2.73 12.80
N THR A 6 1.99 3.03 13.26
CA THR A 6 0.92 3.48 12.36
C THR A 6 0.13 4.60 13.02
N ARG A 7 -0.27 5.60 12.26
CA ARG A 7 -0.92 6.77 12.85
C ARG A 7 -2.43 6.76 12.62
N PHE A 8 -2.85 6.76 11.36
CA PHE A 8 -4.27 6.88 11.06
C PHE A 8 -4.84 5.58 10.48
N PRO A 9 -5.61 4.85 11.28
CA PRO A 9 -6.29 3.65 10.81
C PRO A 9 -7.50 3.99 9.94
N GLY A 10 -7.96 3.02 9.16
CA GLY A 10 -8.94 3.30 8.13
C GLY A 10 -8.27 3.29 6.77
N VAL A 11 -7.03 3.76 6.77
CA VAL A 11 -6.15 3.61 5.63
C VAL A 11 -4.94 2.80 6.07
N ALA A 12 -4.89 1.56 5.64
CA ALA A 12 -3.79 0.68 5.98
C ALA A 12 -3.04 0.32 4.72
N ILE A 13 -1.83 0.83 4.63
CA ILE A 13 -1.04 0.72 3.40
C ILE A 13 -0.07 -0.43 3.48
N TYR A 14 -0.27 -1.42 2.64
CA TYR A 14 0.67 -2.49 2.52
C TYR A 14 1.47 -2.30 1.27
N LEU A 15 2.76 -2.51 1.39
CA LEU A 15 3.68 -2.22 0.30
C LEU A 15 4.44 -3.47 -0.07
N VAL A 16 4.49 -3.76 -1.35
CA VAL A 16 5.27 -4.89 -1.83
C VAL A 16 6.73 -4.49 -1.93
N GLU A 17 7.41 -4.55 -0.81
CA GLU A 17 8.82 -4.20 -0.70
C GLU A 17 9.70 -4.97 -1.69
N PRO A 18 9.50 -6.30 -1.89
CA PRO A 18 10.21 -7.07 -2.92
C PRO A 18 9.94 -6.57 -4.35
N ARG A 19 9.12 -5.53 -4.47
CA ARG A 19 8.86 -4.90 -5.76
C ARG A 19 9.16 -3.41 -5.67
N MET A 20 10.23 -3.08 -4.95
CA MET A 20 10.68 -1.70 -4.80
C MET A 20 12.03 -1.69 -4.07
N GLY A 21 12.43 -0.53 -3.61
CA GLY A 21 13.68 -0.40 -2.89
C GLY A 21 13.46 0.17 -1.49
N ARG A 22 14.32 -0.25 -0.56
CA ARG A 22 14.21 0.19 0.83
C ARG A 22 14.41 1.70 0.96
N SER A 23 15.20 2.28 0.07
CA SER A 23 15.50 3.70 0.11
C SER A 23 14.21 4.52 0.00
N ARG A 24 13.43 4.22 -1.03
CA ARG A 24 12.16 4.89 -1.23
C ARG A 24 11.13 4.38 -0.23
N ARG A 25 11.24 3.11 0.15
CA ARG A 25 10.30 2.52 1.09
C ARG A 25 10.40 3.21 2.44
N ALA A 26 11.58 3.19 3.05
CA ALA A 26 11.83 3.89 4.31
C ALA A 26 11.52 5.38 4.22
N PHE A 27 11.62 5.91 3.01
CA PHE A 27 11.37 7.32 2.78
C PHE A 27 9.88 7.63 2.99
N LEU A 28 9.04 6.82 2.37
CA LEU A 28 7.60 6.94 2.55
C LEU A 28 7.19 6.43 3.91
N THR A 29 8.05 5.64 4.55
CA THR A 29 7.68 5.00 5.80
C THR A 29 7.55 6.05 6.89
N GLY A 30 8.63 6.79 7.15
CA GLY A 30 8.57 7.85 8.14
C GLY A 30 7.64 8.98 7.72
N LEU A 31 7.49 9.16 6.41
CA LEU A 31 6.62 10.21 5.90
C LEU A 31 5.16 9.84 6.08
N ALA A 32 4.76 8.69 5.53
CA ALA A 32 3.36 8.28 5.53
C ALA A 32 2.80 8.14 6.94
N ARG A 33 3.63 7.62 7.85
CA ARG A 33 3.26 7.52 9.25
C ARG A 33 2.94 8.91 9.82
N SER A 34 3.77 9.88 9.47
CA SER A 34 3.60 11.23 9.97
C SER A 34 2.52 12.00 9.18
N LYS A 35 2.14 11.49 8.02
CA LYS A 35 1.20 12.23 7.17
C LYS A 35 -0.25 12.04 7.62
N GLY A 36 -0.73 10.80 7.67
CA GLY A 36 -2.13 10.58 8.00
C GLY A 36 -2.63 9.23 7.50
N PHE A 37 -1.76 8.22 7.56
CA PHE A 37 -2.13 6.85 7.20
C PHE A 37 -1.48 5.90 8.19
N ARG A 38 -2.01 4.69 8.38
CA ARG A 38 -1.30 3.67 9.12
C ARG A 38 -0.57 2.72 8.18
N VAL A 39 0.68 2.47 8.48
CA VAL A 39 1.50 1.59 7.68
C VAL A 39 1.23 0.12 8.00
N LEU A 40 0.73 -0.58 7.00
CA LEU A 40 0.55 -2.02 7.09
C LEU A 40 1.87 -2.68 6.73
N ASP A 41 2.53 -3.25 7.73
CA ASP A 41 3.91 -3.68 7.59
C ASP A 41 4.01 -5.16 7.92
N ALA A 42 3.02 -5.91 7.46
CA ALA A 42 2.93 -7.34 7.70
C ALA A 42 1.99 -7.95 6.69
N CYS A 43 2.07 -9.26 6.51
CA CYS A 43 1.17 -9.97 5.62
C CYS A 43 -0.21 -10.12 6.26
N SER A 44 -0.93 -9.01 6.34
CA SER A 44 -2.26 -8.98 6.94
C SER A 44 -3.27 -8.47 5.92
N SER A 45 -4.44 -9.09 5.89
CA SER A 45 -5.49 -8.72 4.96
C SER A 45 -6.24 -7.47 5.45
N GLU A 46 -5.79 -6.91 6.56
CA GLU A 46 -6.37 -5.68 7.11
C GLU A 46 -6.10 -4.48 6.20
N ALA A 47 -5.01 -4.55 5.44
CA ALA A 47 -4.62 -3.45 4.56
C ALA A 47 -5.71 -3.14 3.55
N THR A 48 -5.77 -1.88 3.10
CA THR A 48 -6.72 -1.52 2.07
C THR A 48 -6.05 -0.60 1.04
N HIS A 49 -4.75 -0.77 0.86
CA HIS A 49 -4.01 -0.11 -0.20
C HIS A 49 -2.73 -0.86 -0.47
N VAL A 50 -2.74 -1.66 -1.51
CA VAL A 50 -1.54 -2.33 -1.95
C VAL A 50 -0.84 -1.46 -3.00
N VAL A 51 0.43 -1.24 -2.77
CA VAL A 51 1.24 -0.34 -3.58
C VAL A 51 2.54 -1.04 -3.99
N MET A 52 3.09 -0.61 -5.12
CA MET A 52 4.28 -1.22 -5.70
C MET A 52 5.07 -0.20 -6.47
N GLU A 53 6.34 -0.47 -6.70
CA GLU A 53 7.18 0.40 -7.51
C GLU A 53 7.56 -0.29 -8.82
N GLU A 54 7.46 0.46 -9.91
CA GLU A 54 7.84 -0.04 -11.23
C GLU A 54 7.07 -1.30 -11.57
N THR A 55 5.85 -1.39 -11.07
CA THR A 55 5.01 -2.55 -11.27
C THR A 55 3.79 -2.15 -12.09
N SER A 56 3.54 -2.89 -13.15
CA SER A 56 2.42 -2.58 -14.02
C SER A 56 1.18 -3.35 -13.59
N ALA A 57 0.06 -3.05 -14.25
CA ALA A 57 -1.24 -3.62 -13.85
C ALA A 57 -1.19 -5.14 -13.69
N GLU A 58 -0.88 -5.84 -14.77
CA GLU A 58 -0.97 -7.31 -14.78
C GLU A 58 0.03 -7.91 -13.80
N GLU A 59 1.24 -7.38 -13.82
CA GLU A 59 2.29 -7.74 -12.85
C GLU A 59 1.74 -7.78 -11.44
N ALA A 60 1.04 -6.74 -11.04
CA ALA A 60 0.46 -6.68 -9.70
C ALA A 60 -0.85 -7.46 -9.62
N VAL A 61 -1.49 -7.70 -10.76
CA VAL A 61 -2.72 -8.48 -10.79
C VAL A 61 -2.44 -9.94 -10.40
N SER A 62 -1.36 -10.52 -10.94
CA SER A 62 -0.94 -11.85 -10.50
C SER A 62 -0.53 -11.82 -9.04
N TRP A 63 0.19 -10.76 -8.67
CA TRP A 63 0.47 -10.48 -7.26
C TRP A 63 -0.84 -10.51 -6.44
N GLN A 64 -1.88 -9.89 -6.97
CA GLN A 64 -3.21 -9.94 -6.35
C GLN A 64 -3.69 -11.38 -6.17
N GLU A 65 -3.42 -12.20 -7.17
CA GLU A 65 -3.76 -13.61 -7.12
C GLU A 65 -2.99 -14.30 -5.99
N ARG A 66 -1.70 -13.98 -5.87
CA ARG A 66 -0.89 -14.48 -4.78
C ARG A 66 -1.40 -13.98 -3.44
N ARG A 67 -1.78 -12.70 -3.41
CA ARG A 67 -2.41 -12.10 -2.24
C ARG A 67 -3.62 -12.91 -1.81
N MET A 68 -4.53 -13.14 -2.76
CA MET A 68 -5.72 -13.95 -2.52
C MET A 68 -5.34 -15.38 -2.12
N ALA A 69 -4.40 -15.97 -2.82
CA ALA A 69 -3.95 -17.33 -2.55
C ALA A 69 -3.44 -17.49 -1.10
N ALA A 70 -2.95 -16.41 -0.52
CA ALA A 70 -2.40 -16.45 0.82
C ALA A 70 -3.51 -16.31 1.86
N ALA A 71 -4.57 -15.63 1.47
CA ALA A 71 -5.70 -15.41 2.35
C ALA A 71 -6.83 -16.38 2.00
N PRO A 72 -7.89 -16.44 2.81
CA PRO A 72 -9.12 -17.12 2.41
C PRO A 72 -9.78 -16.37 1.26
N PRO A 73 -10.00 -17.02 0.12
CA PRO A 73 -10.55 -16.39 -1.09
C PRO A 73 -11.94 -15.78 -0.86
N GLY A 74 -12.56 -16.11 0.27
CA GLY A 74 -13.84 -15.52 0.61
C GLY A 74 -13.68 -14.18 1.30
N CYS A 75 -12.44 -13.75 1.46
CA CYS A 75 -12.15 -12.45 2.05
C CYS A 75 -12.06 -11.40 0.94
N THR A 76 -12.52 -10.20 1.25
CA THR A 76 -12.47 -9.09 0.31
C THR A 76 -11.05 -8.64 0.06
N PRO A 77 -10.66 -8.51 -1.21
CA PRO A 77 -9.35 -8.02 -1.60
C PRO A 77 -9.23 -6.50 -1.45
N PRO A 78 -8.16 -6.00 -0.82
CA PRO A 78 -7.90 -4.57 -0.74
C PRO A 78 -7.54 -4.00 -2.10
N ALA A 79 -7.38 -2.70 -2.18
CA ALA A 79 -7.16 -2.03 -3.44
C ALA A 79 -5.82 -2.40 -4.05
N LEU A 80 -5.85 -2.78 -5.31
CA LEU A 80 -4.63 -3.01 -6.07
C LEU A 80 -4.28 -1.71 -6.79
N LEU A 81 -3.06 -1.25 -6.61
CA LEU A 81 -2.62 0.01 -7.16
C LEU A 81 -1.11 0.15 -7.01
N ASP A 82 -0.57 1.31 -7.33
CA ASP A 82 0.87 1.51 -7.38
C ASP A 82 1.29 2.57 -6.36
N ILE A 83 2.58 2.61 -6.05
CA ILE A 83 3.15 3.65 -5.17
C ILE A 83 2.80 5.05 -5.65
N SER A 84 2.34 5.12 -6.90
CA SER A 84 1.96 6.37 -7.53
C SER A 84 0.80 7.04 -6.78
N TRP A 85 -0.01 6.24 -6.09
CA TRP A 85 -1.08 6.77 -5.27
C TRP A 85 -0.52 7.38 -3.98
N LEU A 86 0.56 6.79 -3.49
CA LEU A 86 1.05 7.09 -2.16
C LEU A 86 1.87 8.37 -2.13
N THR A 87 2.61 8.62 -3.19
CA THR A 87 3.46 9.80 -3.23
C THR A 87 2.67 11.10 -3.12
N GLU A 88 1.70 11.29 -4.02
CA GLU A 88 0.80 12.44 -3.96
C GLU A 88 0.05 12.51 -2.62
N SER A 89 -0.60 11.41 -2.25
CA SER A 89 -1.32 11.35 -0.97
C SER A 89 -0.43 11.78 0.19
N LEU A 90 0.84 11.37 0.17
CA LEU A 90 1.82 11.83 1.16
C LEU A 90 1.98 13.34 1.11
N GLY A 91 2.09 13.89 -0.09
CA GLY A 91 2.24 15.32 -0.25
C GLY A 91 1.08 16.09 0.34
N ALA A 92 -0.13 15.71 -0.01
CA ALA A 92 -1.33 16.32 0.54
C ALA A 92 -1.43 16.08 2.05
N GLY A 93 -0.96 14.91 2.47
CA GLY A 93 -0.99 14.57 3.88
C GLY A 93 -2.26 13.86 4.26
N GLN A 94 -3.05 13.49 3.27
CA GLN A 94 -4.33 12.85 3.50
C GLN A 94 -4.65 11.89 2.35
N PRO A 95 -5.45 10.85 2.64
CA PRO A 95 -5.82 9.83 1.65
C PRO A 95 -6.66 10.40 0.52
N VAL A 96 -5.99 10.84 -0.52
CA VAL A 96 -6.65 11.33 -1.72
C VAL A 96 -7.41 10.20 -2.39
N PRO A 97 -8.50 10.53 -3.10
CA PRO A 97 -9.31 9.54 -3.80
C PRO A 97 -8.50 8.82 -4.85
N VAL A 98 -8.58 7.50 -4.87
CA VAL A 98 -7.79 6.72 -5.80
C VAL A 98 -8.35 6.84 -7.22
N GLU A 99 -7.95 7.91 -7.90
CA GLU A 99 -8.34 8.15 -9.29
C GLU A 99 -7.84 7.03 -10.19
N CYS A 100 -8.42 6.93 -11.37
CA CYS A 100 -8.15 5.84 -12.31
C CYS A 100 -6.65 5.59 -12.49
N ARG A 101 -5.87 6.65 -12.70
CA ARG A 101 -4.45 6.50 -12.99
C ARG A 101 -3.69 5.94 -11.78
N HIS A 102 -4.29 6.06 -10.59
CA HIS A 102 -3.67 5.55 -9.37
C HIS A 102 -3.98 4.08 -9.19
N ARG A 103 -5.06 3.62 -9.81
CA ARG A 103 -5.65 2.32 -9.49
C ARG A 103 -4.94 1.16 -10.16
N LEU A 104 -4.04 1.49 -11.09
CA LEU A 104 -3.17 0.52 -11.71
C LEU A 104 -3.92 -0.55 -12.55
N GLU A 105 -4.63 -1.43 -11.87
CA GLU A 105 -5.31 -2.55 -12.52
C GLU A 105 -6.33 -2.03 -13.54
N GLY A 1 10.67 -4.86 22.18
CA GLY A 1 9.64 -5.02 21.13
C GLY A 1 8.86 -3.75 20.91
N THR A 2 8.97 -3.18 19.72
CA THR A 2 8.26 -1.96 19.40
C THR A 2 6.94 -2.26 18.68
N PRO A 3 5.82 -1.86 19.30
CA PRO A 3 4.49 -1.99 18.69
C PRO A 3 4.43 -1.27 17.33
N PRO A 4 3.66 -1.82 16.39
CA PRO A 4 3.57 -1.31 15.02
C PRO A 4 3.19 0.16 14.94
N SER A 5 4.17 0.99 14.64
CA SER A 5 3.94 2.42 14.52
C SER A 5 3.33 2.75 13.16
N THR A 6 2.20 3.45 13.17
CA THR A 6 1.59 3.89 11.94
C THR A 6 1.30 5.40 12.01
N ARG A 7 0.09 5.75 12.46
CA ARG A 7 -0.30 7.14 12.73
C ARG A 7 -1.82 7.22 12.84
N PHE A 8 -2.48 7.05 11.70
CA PHE A 8 -3.92 7.24 11.61
C PHE A 8 -4.59 6.00 11.03
N PRO A 9 -5.35 5.28 11.87
CA PRO A 9 -6.09 4.10 11.43
C PRO A 9 -7.26 4.47 10.52
N GLY A 10 -7.79 3.48 9.81
CA GLY A 10 -8.82 3.74 8.83
C GLY A 10 -8.31 3.45 7.43
N VAL A 11 -7.21 4.10 7.07
CA VAL A 11 -6.54 3.78 5.82
C VAL A 11 -5.38 2.84 6.11
N ALA A 12 -5.54 1.58 5.77
CA ALA A 12 -4.48 0.60 5.98
C ALA A 12 -3.71 0.38 4.68
N ILE A 13 -2.40 0.49 4.75
CA ILE A 13 -1.57 0.56 3.56
C ILE A 13 -0.49 -0.49 3.60
N TYR A 14 -0.51 -1.42 2.68
CA TYR A 14 0.52 -2.42 2.60
C TYR A 14 1.41 -2.16 1.41
N LEU A 15 2.70 -2.18 1.63
CA LEU A 15 3.67 -1.97 0.57
C LEU A 15 4.19 -3.32 0.13
N VAL A 16 4.28 -3.55 -1.17
CA VAL A 16 4.84 -4.79 -1.66
C VAL A 16 6.35 -4.80 -1.45
N GLU A 17 6.75 -5.44 -0.36
CA GLU A 17 8.14 -5.44 0.08
C GLU A 17 9.12 -5.96 -0.99
N PRO A 18 8.82 -7.09 -1.67
CA PRO A 18 9.70 -7.62 -2.73
C PRO A 18 9.79 -6.71 -3.95
N ARG A 19 8.91 -5.72 -4.04
CA ARG A 19 8.92 -4.77 -5.14
C ARG A 19 8.74 -3.35 -4.62
N MET A 20 9.69 -2.93 -3.82
CA MET A 20 9.68 -1.59 -3.24
C MET A 20 11.09 -1.21 -2.79
N GLY A 21 11.74 -0.35 -3.58
CA GLY A 21 13.05 0.14 -3.23
C GLY A 21 13.09 0.71 -1.83
N ARG A 22 14.15 0.40 -1.09
CA ARG A 22 14.21 0.73 0.33
C ARG A 22 14.51 2.21 0.52
N SER A 23 15.19 2.80 -0.46
CA SER A 23 15.50 4.23 -0.39
C SER A 23 14.20 5.05 -0.38
N ARG A 24 13.25 4.63 -1.21
CA ARG A 24 11.96 5.30 -1.28
C ARG A 24 11.03 4.73 -0.22
N ARG A 25 11.22 3.44 0.11
CA ARG A 25 10.45 2.80 1.17
C ARG A 25 10.63 3.54 2.47
N ALA A 26 11.88 3.65 2.92
CA ALA A 26 12.19 4.34 4.17
C ALA A 26 11.66 5.77 4.14
N PHE A 27 11.90 6.45 3.04
CA PHE A 27 11.45 7.81 2.84
C PHE A 27 9.93 7.92 3.00
N LEU A 28 9.19 7.04 2.33
CA LEU A 28 7.73 7.06 2.43
C LEU A 28 7.26 6.54 3.77
N THR A 29 7.98 5.57 4.33
CA THR A 29 7.57 4.95 5.59
C THR A 29 7.61 5.98 6.71
N GLY A 30 8.76 6.63 6.88
CA GLY A 30 8.88 7.67 7.88
C GLY A 30 7.95 8.83 7.60
N LEU A 31 7.89 9.25 6.33
CA LEU A 31 7.03 10.36 5.95
C LEU A 31 5.57 10.05 6.20
N ALA A 32 5.10 8.94 5.64
CA ALA A 32 3.70 8.54 5.78
C ALA A 32 3.29 8.39 7.25
N ARG A 33 4.21 7.86 8.06
CA ARG A 33 3.97 7.71 9.50
C ARG A 33 3.90 9.09 10.17
N SER A 34 4.73 10.01 9.71
CA SER A 34 4.71 11.37 10.22
C SER A 34 3.51 12.15 9.65
N LYS A 35 3.03 11.71 8.48
CA LYS A 35 1.90 12.36 7.83
C LYS A 35 0.59 12.04 8.52
N GLY A 36 0.19 10.77 8.45
CA GLY A 36 -1.11 10.40 8.97
C GLY A 36 -1.65 9.14 8.33
N PHE A 37 -0.84 8.11 8.19
CA PHE A 37 -1.29 6.90 7.52
C PHE A 37 -1.00 5.65 8.33
N ARG A 38 -1.96 4.74 8.34
CA ARG A 38 -1.78 3.44 8.98
C ARG A 38 -1.09 2.48 8.04
N VAL A 39 0.21 2.44 8.12
CA VAL A 39 0.99 1.52 7.34
C VAL A 39 0.86 0.09 7.89
N LEU A 40 0.35 -0.78 7.03
CA LEU A 40 0.10 -2.18 7.36
C LEU A 40 1.42 -2.92 7.49
N ASP A 41 1.56 -3.68 8.58
CA ASP A 41 2.79 -4.42 8.86
C ASP A 41 2.87 -5.71 8.04
N ALA A 42 3.41 -6.78 8.62
CA ALA A 42 3.72 -7.98 7.86
C ALA A 42 2.52 -8.91 7.71
N CYS A 43 2.08 -9.06 6.46
CA CYS A 43 1.18 -10.14 6.04
C CYS A 43 -0.16 -10.17 6.79
N SER A 44 -1.04 -9.23 6.49
CA SER A 44 -2.41 -9.29 6.97
C SER A 44 -3.36 -8.67 5.95
N SER A 45 -4.53 -9.29 5.81
CA SER A 45 -5.51 -8.87 4.81
C SER A 45 -6.31 -7.65 5.30
N GLU A 46 -5.89 -7.09 6.43
CA GLU A 46 -6.57 -5.95 7.02
C GLU A 46 -6.35 -4.67 6.19
N ALA A 47 -5.32 -4.68 5.35
CA ALA A 47 -4.97 -3.52 4.55
C ALA A 47 -6.00 -3.28 3.45
N THR A 48 -6.23 -2.02 3.08
CA THR A 48 -7.10 -1.76 1.95
C THR A 48 -6.39 -0.87 0.92
N HIS A 49 -5.06 -0.91 0.93
CA HIS A 49 -4.28 -0.41 -0.20
C HIS A 49 -3.01 -1.21 -0.36
N VAL A 50 -2.82 -1.75 -1.55
CA VAL A 50 -1.59 -2.41 -1.90
C VAL A 50 -0.86 -1.56 -2.93
N VAL A 51 0.31 -1.08 -2.57
CA VAL A 51 1.10 -0.20 -3.43
C VAL A 51 2.41 -0.85 -3.82
N MET A 52 2.59 -1.03 -5.12
CA MET A 52 3.81 -1.58 -5.69
C MET A 52 4.41 -0.54 -6.63
N GLU A 53 5.73 -0.53 -6.81
CA GLU A 53 6.37 0.51 -7.60
C GLU A 53 6.73 0.05 -9.00
N GLU A 54 6.65 0.99 -9.95
CA GLU A 54 7.04 0.74 -11.35
C GLU A 54 6.35 -0.49 -11.90
N THR A 55 5.10 -0.65 -11.52
CA THR A 55 4.39 -1.88 -11.78
C THR A 55 3.40 -1.74 -12.93
N SER A 56 3.70 -2.39 -14.05
CA SER A 56 2.69 -2.62 -15.06
C SER A 56 1.55 -3.41 -14.45
N ALA A 57 0.38 -3.29 -15.04
CA ALA A 57 -0.84 -3.89 -14.50
C ALA A 57 -0.64 -5.36 -14.12
N GLU A 58 -0.29 -6.14 -15.13
CA GLU A 58 -0.19 -7.60 -15.01
C GLU A 58 0.67 -8.02 -13.81
N GLU A 59 1.81 -7.37 -13.62
CA GLU A 59 2.69 -7.66 -12.49
C GLU A 59 1.93 -7.68 -11.16
N ALA A 60 1.29 -6.57 -10.82
CA ALA A 60 0.55 -6.48 -9.56
C ALA A 60 -0.74 -7.30 -9.61
N VAL A 61 -1.24 -7.54 -10.82
CA VAL A 61 -2.40 -8.40 -11.02
C VAL A 61 -2.06 -9.84 -10.65
N SER A 62 -0.87 -10.27 -11.05
CA SER A 62 -0.37 -11.60 -10.71
C SER A 62 -0.11 -11.67 -9.22
N TRP A 63 0.50 -10.61 -8.69
CA TRP A 63 0.66 -10.45 -7.25
C TRP A 63 -0.68 -10.58 -6.52
N GLN A 64 -1.71 -9.95 -7.07
CA GLN A 64 -3.06 -10.04 -6.53
C GLN A 64 -3.52 -11.50 -6.40
N GLU A 65 -3.33 -12.24 -7.48
CA GLU A 65 -3.70 -13.65 -7.52
C GLU A 65 -3.00 -14.44 -6.41
N ARG A 66 -1.77 -14.06 -6.11
CA ARG A 66 -1.02 -14.70 -5.03
C ARG A 66 -1.48 -14.17 -3.67
N ARG A 67 -1.83 -12.89 -3.64
CA ARG A 67 -2.34 -12.27 -2.43
C ARG A 67 -3.63 -12.95 -1.97
N MET A 68 -4.56 -13.11 -2.89
CA MET A 68 -5.84 -13.77 -2.59
C MET A 68 -5.64 -15.27 -2.31
N ALA A 69 -4.51 -15.81 -2.73
CA ALA A 69 -4.18 -17.20 -2.42
C ALA A 69 -3.54 -17.32 -1.04
N ALA A 70 -2.95 -16.22 -0.58
CA ALA A 70 -2.30 -16.20 0.73
C ALA A 70 -3.33 -15.85 1.81
N ALA A 71 -4.36 -15.14 1.40
CA ALA A 71 -5.47 -14.81 2.27
C ALA A 71 -6.63 -15.77 1.99
N PRO A 72 -7.68 -15.78 2.82
CA PRO A 72 -8.90 -16.54 2.54
C PRO A 72 -9.49 -16.13 1.18
N PRO A 73 -9.91 -17.12 0.38
CA PRO A 73 -10.40 -16.89 -0.99
C PRO A 73 -11.68 -16.05 -1.01
N GLY A 74 -12.32 -15.91 0.14
CA GLY A 74 -13.51 -15.09 0.26
C GLY A 74 -13.23 -13.77 0.93
N CYS A 75 -11.96 -13.45 1.10
CA CYS A 75 -11.56 -12.18 1.69
C CYS A 75 -11.70 -11.06 0.67
N THR A 76 -12.26 -9.94 1.09
CA THR A 76 -12.43 -8.80 0.22
C THR A 76 -11.08 -8.23 -0.20
N PRO A 77 -10.83 -8.20 -1.52
CA PRO A 77 -9.59 -7.67 -2.07
C PRO A 77 -9.43 -6.18 -1.81
N PRO A 78 -8.32 -5.79 -1.16
CA PRO A 78 -7.93 -4.38 -0.98
C PRO A 78 -7.74 -3.63 -2.30
N ALA A 79 -7.04 -2.51 -2.26
CA ALA A 79 -6.90 -1.67 -3.43
C ALA A 79 -5.60 -2.00 -4.15
N LEU A 80 -5.70 -2.77 -5.21
CA LEU A 80 -4.53 -3.13 -6.00
C LEU A 80 -4.12 -1.98 -6.90
N LEU A 81 -3.02 -1.33 -6.56
CA LEU A 81 -2.54 -0.20 -7.34
C LEU A 81 -1.04 0.02 -7.15
N ASP A 82 -0.53 1.05 -7.80
CA ASP A 82 0.89 1.37 -7.75
C ASP A 82 1.17 2.44 -6.69
N ILE A 83 2.46 2.52 -6.29
CA ILE A 83 2.96 3.39 -5.21
C ILE A 83 2.65 4.86 -5.50
N SER A 84 2.13 5.11 -6.69
CA SER A 84 1.76 6.44 -7.15
C SER A 84 0.70 7.06 -6.23
N TRP A 85 -0.19 6.22 -5.71
CA TRP A 85 -1.25 6.69 -4.82
C TRP A 85 -0.66 7.23 -3.51
N LEU A 86 0.41 6.60 -3.06
CA LEU A 86 0.93 6.88 -1.73
C LEU A 86 1.80 8.13 -1.75
N THR A 87 2.62 8.24 -2.78
CA THR A 87 3.47 9.41 -2.94
C THR A 87 2.64 10.68 -3.01
N GLU A 88 1.57 10.65 -3.79
CA GLU A 88 0.65 11.78 -3.89
C GLU A 88 -0.05 12.04 -2.56
N SER A 89 -0.56 10.99 -1.93
CA SER A 89 -1.17 11.11 -0.60
C SER A 89 -0.21 11.77 0.39
N LEU A 90 1.07 11.40 0.31
CA LEU A 90 2.10 12.04 1.14
C LEU A 90 2.22 13.52 0.81
N GLY A 91 2.27 13.82 -0.48
CA GLY A 91 2.37 15.20 -0.94
C GLY A 91 1.22 16.05 -0.44
N ALA A 92 -0.01 15.57 -0.64
CA ALA A 92 -1.20 16.29 -0.23
C ALA A 92 -1.35 16.30 1.30
N GLY A 93 -0.79 15.29 1.94
CA GLY A 93 -0.86 15.19 3.39
C GLY A 93 -2.14 14.52 3.85
N GLN A 94 -2.82 13.89 2.92
CA GLN A 94 -4.09 13.24 3.19
C GLN A 94 -4.27 12.05 2.27
N PRO A 95 -5.02 11.02 2.70
CA PRO A 95 -5.33 9.87 1.86
C PRO A 95 -6.26 10.25 0.72
N VAL A 96 -5.70 10.39 -0.47
CA VAL A 96 -6.46 10.85 -1.62
C VAL A 96 -7.33 9.74 -2.18
N PRO A 97 -8.55 10.10 -2.61
CA PRO A 97 -9.45 9.18 -3.31
C PRO A 97 -8.84 8.75 -4.65
N VAL A 98 -8.35 7.52 -4.69
CA VAL A 98 -7.58 7.04 -5.83
C VAL A 98 -8.40 7.01 -7.11
N GLU A 99 -7.98 7.80 -8.08
CA GLU A 99 -8.55 7.77 -9.42
C GLU A 99 -8.10 6.50 -10.13
N CYS A 100 -8.90 6.03 -11.08
CA CYS A 100 -8.58 4.83 -11.85
C CYS A 100 -7.21 4.96 -12.54
N ARG A 101 -6.77 6.21 -12.73
CA ARG A 101 -5.48 6.49 -13.33
C ARG A 101 -4.33 5.95 -12.45
N HIS A 102 -4.57 5.91 -11.14
CA HIS A 102 -3.57 5.43 -10.19
C HIS A 102 -4.01 4.07 -9.65
N ARG A 103 -5.10 3.58 -10.21
CA ARG A 103 -5.69 2.29 -9.85
C ARG A 103 -5.11 1.20 -10.74
N LEU A 104 -3.88 1.45 -11.18
CA LEU A 104 -3.19 0.67 -12.19
C LEU A 104 -3.16 -0.83 -11.92
N GLU A 105 -4.24 -1.49 -12.31
CA GLU A 105 -4.31 -2.94 -12.36
C GLU A 105 -5.16 -3.34 -13.55
N GLY A 1 1.23 -2.17 24.37
CA GLY A 1 0.91 -1.10 23.39
C GLY A 1 1.48 -1.38 22.03
N THR A 2 0.79 -0.90 20.99
CA THR A 2 1.23 -1.13 19.63
C THR A 2 2.37 -0.18 19.26
N PRO A 3 3.49 -0.73 18.77
CA PRO A 3 4.62 0.07 18.26
C PRO A 3 4.19 0.94 17.08
N PRO A 4 4.96 2.01 16.80
CA PRO A 4 4.67 2.95 15.69
C PRO A 4 4.81 2.30 14.31
N SER A 5 3.95 1.31 14.04
CA SER A 5 3.85 0.70 12.73
C SER A 5 2.94 1.53 11.84
N THR A 6 1.83 1.97 12.42
CA THR A 6 0.89 2.82 11.72
C THR A 6 0.59 4.02 12.61
N ARG A 7 0.02 5.08 12.05
CA ARG A 7 -0.15 6.32 12.80
C ARG A 7 -1.59 6.83 12.73
N PHE A 8 -2.22 6.71 11.56
CA PHE A 8 -3.57 7.21 11.37
C PHE A 8 -4.44 6.14 10.72
N PRO A 9 -5.34 5.52 11.50
CA PRO A 9 -6.20 4.43 11.02
C PRO A 9 -7.27 4.91 10.04
N GLY A 10 -8.04 3.96 9.53
CA GLY A 10 -9.02 4.25 8.51
C GLY A 10 -8.58 3.69 7.18
N VAL A 11 -7.64 4.38 6.54
CA VAL A 11 -7.04 3.87 5.31
C VAL A 11 -6.00 2.83 5.66
N ALA A 12 -5.93 1.78 4.87
CA ALA A 12 -5.01 0.68 5.11
C ALA A 12 -4.14 0.47 3.89
N ILE A 13 -2.85 0.66 4.06
CA ILE A 13 -1.92 0.73 2.94
C ILE A 13 -0.90 -0.38 3.04
N TYR A 14 -0.84 -1.27 2.06
CA TYR A 14 0.14 -2.34 2.11
C TYR A 14 1.02 -2.18 0.88
N LEU A 15 2.33 -2.13 1.08
CA LEU A 15 3.25 -1.99 -0.03
C LEU A 15 4.00 -3.29 -0.21
N VAL A 16 4.32 -3.62 -1.44
CA VAL A 16 5.05 -4.85 -1.73
C VAL A 16 6.41 -4.84 -1.05
N GLU A 17 6.69 -5.90 -0.31
CA GLU A 17 7.94 -6.00 0.45
C GLU A 17 9.08 -6.62 -0.37
N PRO A 18 8.89 -7.83 -0.95
CA PRO A 18 9.98 -8.54 -1.64
C PRO A 18 10.35 -7.95 -3.01
N ARG A 19 9.64 -6.90 -3.41
CA ARG A 19 9.85 -6.29 -4.72
C ARG A 19 9.64 -4.79 -4.62
N MET A 20 10.47 -4.13 -3.84
CA MET A 20 10.33 -2.70 -3.56
C MET A 20 11.66 -2.09 -3.19
N GLY A 21 11.95 -0.94 -3.77
CA GLY A 21 13.15 -0.20 -3.42
C GLY A 21 13.13 0.25 -1.97
N ARG A 22 14.06 -0.32 -1.19
CA ARG A 22 14.13 -0.02 0.25
C ARG A 22 14.43 1.45 0.47
N SER A 23 15.09 2.09 -0.49
CA SER A 23 15.40 3.50 -0.41
C SER A 23 14.12 4.34 -0.38
N ARG A 24 13.28 4.15 -1.40
CA ARG A 24 12.03 4.88 -1.48
C ARG A 24 11.03 4.34 -0.45
N ARG A 25 11.10 3.04 -0.17
CA ARG A 25 10.23 2.43 0.83
C ARG A 25 10.44 3.09 2.18
N ALA A 26 11.68 3.14 2.63
CA ALA A 26 12.00 3.74 3.91
C ALA A 26 11.62 5.21 3.91
N PHE A 27 11.93 5.89 2.82
CA PHE A 27 11.61 7.29 2.63
C PHE A 27 10.11 7.56 2.84
N LEU A 28 9.25 6.67 2.34
CA LEU A 28 7.82 6.83 2.50
C LEU A 28 7.37 6.31 3.86
N THR A 29 8.08 5.29 4.36
CA THR A 29 7.75 4.67 5.63
C THR A 29 7.82 5.70 6.75
N GLY A 30 8.94 6.42 6.81
CA GLY A 30 9.08 7.45 7.82
C GLY A 30 8.17 8.63 7.53
N LEU A 31 8.13 9.06 6.29
CA LEU A 31 7.31 10.21 5.89
C LEU A 31 5.84 9.97 6.19
N ALA A 32 5.29 8.90 5.63
CA ALA A 32 3.86 8.63 5.74
C ALA A 32 3.42 8.44 7.19
N ARG A 33 4.25 7.79 8.01
CA ARG A 33 3.95 7.63 9.43
C ARG A 33 3.94 8.99 10.12
N SER A 34 4.77 9.90 9.66
CA SER A 34 4.83 11.24 10.23
C SER A 34 3.75 12.14 9.63
N LYS A 35 3.11 11.67 8.56
CA LYS A 35 2.09 12.45 7.87
C LYS A 35 0.71 12.19 8.44
N GLY A 36 0.26 10.95 8.34
CA GLY A 36 -1.09 10.62 8.72
C GLY A 36 -1.61 9.39 8.01
N PHE A 37 -0.93 8.26 8.19
CA PHE A 37 -1.28 7.07 7.43
C PHE A 37 -1.16 5.80 8.27
N ARG A 38 -2.01 4.83 7.96
CA ARG A 38 -1.95 3.51 8.58
C ARG A 38 -1.48 2.49 7.58
N VAL A 39 -0.25 2.09 7.73
CA VAL A 39 0.30 1.04 6.93
C VAL A 39 -0.23 -0.32 7.37
N LEU A 40 -0.75 -1.06 6.42
CA LEU A 40 -1.33 -2.36 6.66
C LEU A 40 -0.21 -3.40 6.72
N ASP A 41 -0.04 -4.04 7.87
CA ASP A 41 1.08 -4.94 8.08
C ASP A 41 0.85 -6.31 7.41
N ALA A 42 1.69 -7.28 7.69
CA ALA A 42 1.76 -8.51 6.91
C ALA A 42 0.60 -9.46 7.21
N CYS A 43 0.32 -10.32 6.23
CA CYS A 43 -0.68 -11.38 6.34
C CYS A 43 -2.05 -10.83 6.74
N SER A 44 -2.46 -9.75 6.08
CA SER A 44 -3.76 -9.15 6.35
C SER A 44 -4.41 -8.71 5.03
N SER A 45 -5.62 -9.20 4.78
CA SER A 45 -6.36 -8.82 3.59
C SER A 45 -7.33 -7.69 3.93
N GLU A 46 -7.23 -7.21 5.18
CA GLU A 46 -8.05 -6.10 5.66
C GLU A 46 -7.55 -4.77 5.08
N ALA A 47 -6.53 -4.86 4.23
CA ALA A 47 -5.97 -3.69 3.58
C ALA A 47 -6.99 -3.06 2.64
N THR A 48 -6.70 -1.86 2.19
CA THR A 48 -7.56 -1.16 1.27
C THR A 48 -6.75 -0.12 0.51
N HIS A 49 -5.68 -0.61 -0.15
CA HIS A 49 -4.67 0.24 -0.82
C HIS A 49 -3.35 -0.52 -0.98
N VAL A 50 -3.11 -1.15 -2.13
CA VAL A 50 -1.82 -1.76 -2.39
C VAL A 50 -1.07 -0.95 -3.45
N VAL A 51 0.03 -0.32 -3.03
CA VAL A 51 0.75 0.59 -3.88
C VAL A 51 2.12 0.03 -4.25
N MET A 52 2.25 -0.40 -5.50
CA MET A 52 3.49 -1.00 -5.99
C MET A 52 4.24 -0.02 -6.91
N GLU A 53 5.53 -0.26 -7.13
CA GLU A 53 6.34 0.56 -8.03
C GLU A 53 7.04 -0.36 -9.03
N GLU A 54 7.45 0.19 -10.18
CA GLU A 54 8.15 -0.56 -11.21
C GLU A 54 7.30 -1.75 -11.66
N THR A 55 5.99 -1.54 -11.65
CA THR A 55 5.05 -2.63 -11.82
C THR A 55 3.82 -2.16 -12.59
N SER A 56 3.53 -2.86 -13.69
CA SER A 56 2.33 -2.57 -14.46
C SER A 56 1.12 -3.30 -13.90
N ALA A 57 -0.03 -3.14 -14.55
CA ALA A 57 -1.29 -3.70 -14.06
C ALA A 57 -1.20 -5.17 -13.73
N GLU A 58 -0.93 -5.97 -14.75
CA GLU A 58 -0.96 -7.41 -14.63
C GLU A 58 0.15 -7.91 -13.71
N GLU A 59 1.30 -7.24 -13.72
CA GLU A 59 2.36 -7.51 -12.77
C GLU A 59 1.86 -7.43 -11.33
N ALA A 60 1.18 -6.34 -10.98
CA ALA A 60 0.66 -6.15 -9.63
C ALA A 60 -0.56 -7.04 -9.39
N VAL A 61 -1.23 -7.41 -10.47
CA VAL A 61 -2.34 -8.35 -10.38
C VAL A 61 -1.81 -9.74 -10.03
N SER A 62 -0.62 -10.03 -10.55
CA SER A 62 0.07 -11.28 -10.23
C SER A 62 0.53 -11.27 -8.78
N TRP A 63 1.12 -10.15 -8.36
CA TRP A 63 1.47 -9.96 -6.96
C TRP A 63 0.23 -10.14 -6.08
N GLN A 64 -0.87 -9.55 -6.52
CA GLN A 64 -2.14 -9.70 -5.81
C GLN A 64 -2.49 -11.16 -5.61
N GLU A 65 -2.22 -11.97 -6.62
CA GLU A 65 -2.50 -13.40 -6.55
C GLU A 65 -1.55 -14.10 -5.58
N ARG A 66 -0.35 -13.54 -5.42
CA ARG A 66 0.58 -14.05 -4.41
C ARG A 66 0.08 -13.64 -3.03
N ARG A 67 -0.38 -12.40 -2.95
CA ARG A 67 -1.00 -11.87 -1.75
C ARG A 67 -2.24 -12.69 -1.37
N MET A 68 -3.07 -13.03 -2.36
CA MET A 68 -4.25 -13.85 -2.13
C MET A 68 -3.89 -15.27 -1.73
N ALA A 69 -2.74 -15.74 -2.21
CA ALA A 69 -2.28 -17.09 -1.91
C ALA A 69 -1.97 -17.26 -0.42
N ALA A 70 -1.76 -16.14 0.26
CA ALA A 70 -1.48 -16.16 1.69
C ALA A 70 -2.76 -15.96 2.50
N ALA A 71 -3.75 -15.33 1.89
CA ALA A 71 -5.00 -15.03 2.56
C ALA A 71 -6.00 -16.16 2.37
N PRO A 72 -6.70 -16.55 3.45
CA PRO A 72 -7.69 -17.62 3.41
C PRO A 72 -8.79 -17.35 2.38
N PRO A 73 -9.10 -18.36 1.55
CA PRO A 73 -10.11 -18.24 0.48
C PRO A 73 -11.44 -17.74 1.02
N GLY A 74 -11.85 -16.57 0.55
CA GLY A 74 -13.03 -15.93 1.08
C GLY A 74 -12.72 -14.52 1.54
N CYS A 75 -11.46 -14.28 1.87
CA CYS A 75 -10.99 -12.95 2.20
C CYS A 75 -10.71 -12.19 0.92
N THR A 76 -11.58 -11.24 0.60
CA THR A 76 -11.46 -10.48 -0.63
C THR A 76 -10.26 -9.53 -0.57
N PRO A 77 -9.61 -9.31 -1.72
CA PRO A 77 -8.42 -8.46 -1.80
C PRO A 77 -8.74 -6.97 -1.66
N PRO A 78 -7.78 -6.22 -1.08
CA PRO A 78 -7.82 -4.75 -1.02
C PRO A 78 -7.89 -4.08 -2.41
N ALA A 79 -7.42 -2.85 -2.48
CA ALA A 79 -7.49 -2.08 -3.71
C ALA A 79 -6.14 -2.10 -4.41
N LEU A 80 -6.11 -2.67 -5.60
CA LEU A 80 -4.90 -2.69 -6.42
C LEU A 80 -4.70 -1.30 -7.04
N LEU A 81 -3.43 -0.93 -7.29
CA LEU A 81 -3.08 0.49 -7.54
C LEU A 81 -1.56 0.66 -7.65
N ASP A 82 -1.11 1.90 -7.62
CA ASP A 82 0.30 2.25 -7.82
C ASP A 82 0.71 3.27 -6.77
N ILE A 83 2.01 3.26 -6.43
CA ILE A 83 2.60 4.12 -5.40
C ILE A 83 2.29 5.61 -5.63
N SER A 84 1.81 5.95 -6.81
CA SER A 84 1.52 7.32 -7.18
C SER A 84 0.46 7.91 -6.26
N TRP A 85 -0.39 7.06 -5.68
CA TRP A 85 -1.36 7.53 -4.71
C TRP A 85 -0.66 8.07 -3.48
N LEU A 86 0.28 7.29 -2.96
CA LEU A 86 0.93 7.63 -1.70
C LEU A 86 1.88 8.80 -1.86
N THR A 87 2.71 8.75 -2.90
CA THR A 87 3.59 9.87 -3.24
C THR A 87 2.84 11.19 -3.31
N GLU A 88 1.62 11.17 -3.85
CA GLU A 88 0.81 12.36 -3.96
C GLU A 88 0.09 12.65 -2.65
N SER A 89 -0.23 11.60 -1.90
CA SER A 89 -0.86 11.76 -0.59
C SER A 89 0.11 12.44 0.38
N LEU A 90 1.35 11.95 0.42
CA LEU A 90 2.40 12.61 1.18
C LEU A 90 2.57 14.06 0.73
N GLY A 91 2.73 14.22 -0.59
CA GLY A 91 2.79 15.54 -1.18
C GLY A 91 1.69 16.47 -0.70
N ALA A 92 0.50 15.94 -0.51
CA ALA A 92 -0.63 16.74 -0.07
C ALA A 92 -0.68 16.87 1.45
N GLY A 93 -0.24 15.82 2.13
CA GLY A 93 -0.24 15.81 3.58
C GLY A 93 -1.42 15.07 4.16
N GLN A 94 -2.15 14.37 3.30
CA GLN A 94 -3.37 13.68 3.71
C GLN A 94 -3.68 12.54 2.75
N PRO A 95 -4.43 11.51 3.21
CA PRO A 95 -4.91 10.45 2.34
C PRO A 95 -5.90 10.97 1.31
N VAL A 96 -5.39 11.34 0.14
CA VAL A 96 -6.22 11.83 -0.93
C VAL A 96 -7.05 10.71 -1.55
N PRO A 97 -8.18 11.06 -2.18
CA PRO A 97 -9.06 10.10 -2.85
C PRO A 97 -8.35 9.41 -4.01
N VAL A 98 -8.37 8.08 -4.01
CA VAL A 98 -7.68 7.32 -5.03
C VAL A 98 -8.45 7.35 -6.36
N GLU A 99 -8.09 8.28 -7.21
CA GLU A 99 -8.64 8.35 -8.55
C GLU A 99 -8.30 7.08 -9.31
N CYS A 100 -9.21 6.69 -10.21
CA CYS A 100 -9.06 5.47 -11.00
C CYS A 100 -7.80 5.56 -11.86
N ARG A 101 -7.34 6.78 -12.09
CA ARG A 101 -6.09 7.03 -12.81
C ARG A 101 -4.90 6.34 -12.13
N HIS A 102 -5.05 6.02 -10.84
CA HIS A 102 -3.98 5.38 -10.07
C HIS A 102 -4.31 3.91 -9.82
N ARG A 103 -5.46 3.48 -10.32
CA ARG A 103 -6.00 2.15 -10.08
C ARG A 103 -5.75 1.25 -11.29
N LEU A 104 -4.60 1.48 -11.94
CA LEU A 104 -4.26 0.90 -13.26
C LEU A 104 -4.46 -0.63 -13.38
N GLU A 105 -4.78 -1.31 -12.30
CA GLU A 105 -5.05 -2.75 -12.33
C GLU A 105 -6.14 -3.08 -13.35
N GLY A 1 10.52 -1.43 24.84
CA GLY A 1 9.55 -2.10 23.94
C GLY A 1 8.59 -1.12 23.32
N THR A 2 8.59 -1.07 21.99
CA THR A 2 7.75 -0.12 21.29
C THR A 2 6.52 -0.81 20.69
N PRO A 3 5.32 -0.30 21.00
CA PRO A 3 4.09 -0.77 20.37
C PRO A 3 4.06 -0.42 18.89
N PRO A 4 3.58 -1.35 18.03
CA PRO A 4 3.58 -1.22 16.57
C PRO A 4 3.29 0.19 16.08
N SER A 5 4.35 0.91 15.74
CA SER A 5 4.24 2.30 15.34
C SER A 5 3.90 2.41 13.85
N THR A 6 2.61 2.43 13.56
CA THR A 6 2.13 2.67 12.21
C THR A 6 1.56 4.09 12.13
N ARG A 7 1.20 4.59 13.32
CA ARG A 7 0.89 6.00 13.56
C ARG A 7 -0.60 6.31 13.33
N PHE A 8 -1.18 5.82 12.26
CA PHE A 8 -2.59 6.13 11.96
C PHE A 8 -3.34 4.93 11.41
N PRO A 9 -4.23 4.34 12.22
CA PRO A 9 -5.10 3.26 11.77
C PRO A 9 -6.34 3.80 11.04
N GLY A 10 -6.90 3.00 10.15
CA GLY A 10 -8.02 3.44 9.34
C GLY A 10 -7.68 3.37 7.87
N VAL A 11 -6.42 3.71 7.59
CA VAL A 11 -5.85 3.54 6.27
C VAL A 11 -4.58 2.73 6.41
N ALA A 12 -4.63 1.48 6.00
CA ALA A 12 -3.51 0.59 6.18
C ALA A 12 -2.85 0.29 4.84
N ILE A 13 -1.61 0.73 4.72
CA ILE A 13 -0.86 0.55 3.50
C ILE A 13 0.09 -0.62 3.61
N TYR A 14 -0.04 -1.56 2.72
CA TYR A 14 1.01 -2.53 2.54
C TYR A 14 1.73 -2.23 1.24
N LEU A 15 3.02 -2.43 1.27
CA LEU A 15 3.86 -2.20 0.10
C LEU A 15 4.69 -3.44 -0.11
N VAL A 16 5.04 -3.72 -1.34
CA VAL A 16 5.78 -4.92 -1.65
C VAL A 16 7.26 -4.77 -1.32
N GLU A 17 7.78 -5.80 -0.68
CA GLU A 17 9.18 -5.86 -0.30
C GLU A 17 10.07 -6.11 -1.53
N PRO A 18 9.70 -7.06 -2.43
CA PRO A 18 10.40 -7.24 -3.71
C PRO A 18 9.97 -6.19 -4.73
N ARG A 19 10.83 -5.95 -5.73
CA ARG A 19 10.58 -4.96 -6.80
C ARG A 19 10.61 -3.52 -6.30
N MET A 20 10.62 -3.31 -5.00
CA MET A 20 10.65 -1.98 -4.45
C MET A 20 11.91 -1.76 -3.63
N GLY A 21 12.75 -0.87 -4.12
CA GLY A 21 13.97 -0.53 -3.45
C GLY A 21 13.75 0.01 -2.06
N ARG A 22 14.63 -0.36 -1.15
CA ARG A 22 14.55 0.06 0.25
C ARG A 22 14.55 1.58 0.38
N SER A 23 15.26 2.26 -0.52
CA SER A 23 15.39 3.70 -0.45
C SER A 23 14.02 4.36 -0.59
N ARG A 24 13.34 4.04 -1.69
CA ARG A 24 12.00 4.53 -1.94
C ARG A 24 11.05 4.08 -0.84
N ARG A 25 11.11 2.79 -0.50
CA ARG A 25 10.21 2.24 0.50
C ARG A 25 10.39 2.93 1.85
N ALA A 26 11.59 2.85 2.44
CA ALA A 26 11.85 3.49 3.72
C ALA A 26 11.43 4.96 3.75
N PHE A 27 11.83 5.72 2.75
CA PHE A 27 11.50 7.14 2.67
C PHE A 27 9.99 7.38 2.80
N LEU A 28 9.18 6.61 2.08
CA LEU A 28 7.73 6.75 2.16
C LEU A 28 7.20 6.12 3.45
N THR A 29 7.99 5.25 4.05
CA THR A 29 7.53 4.50 5.20
C THR A 29 7.41 5.44 6.40
N GLY A 30 8.53 6.06 6.78
CA GLY A 30 8.51 7.01 7.88
C GLY A 30 7.76 8.28 7.55
N LEU A 31 7.66 8.60 6.27
CA LEU A 31 6.97 9.81 5.85
C LEU A 31 5.47 9.63 5.93
N ALA A 32 4.97 8.57 5.30
CA ALA A 32 3.53 8.32 5.24
C ALA A 32 2.92 8.15 6.64
N ARG A 33 3.67 7.54 7.54
CA ARG A 33 3.20 7.37 8.91
C ARG A 33 3.02 8.72 9.59
N SER A 34 3.99 9.61 9.41
CA SER A 34 3.93 10.93 10.00
C SER A 34 2.89 11.81 9.28
N LYS A 35 2.42 11.32 8.13
CA LYS A 35 1.46 12.07 7.34
C LYS A 35 0.03 11.81 7.81
N GLY A 36 -0.36 10.54 7.87
CA GLY A 36 -1.72 10.22 8.28
C GLY A 36 -2.19 8.87 7.77
N PHE A 37 -1.26 7.92 7.67
CA PHE A 37 -1.57 6.55 7.24
C PHE A 37 -0.64 5.57 7.94
N ARG A 38 -1.07 4.32 8.18
CA ARG A 38 -0.17 3.34 8.76
C ARG A 38 0.45 2.41 7.71
N VAL A 39 1.67 2.01 7.98
CA VAL A 39 2.30 0.94 7.23
C VAL A 39 1.88 -0.42 7.79
N LEU A 40 0.97 -1.05 7.10
CA LEU A 40 0.44 -2.35 7.49
C LEU A 40 1.42 -3.46 7.09
N ASP A 41 1.47 -4.51 7.90
CA ASP A 41 2.46 -5.57 7.71
C ASP A 41 1.94 -6.65 6.76
N ALA A 42 2.75 -7.69 6.55
CA ALA A 42 2.41 -8.75 5.61
C ALA A 42 1.48 -9.75 6.25
N CYS A 43 0.83 -10.57 5.41
CA CYS A 43 -0.10 -11.62 5.85
C CYS A 43 -1.43 -11.02 6.31
N SER A 44 -1.37 -9.95 7.11
CA SER A 44 -2.55 -9.27 7.58
C SER A 44 -3.27 -8.57 6.42
N SER A 45 -4.48 -9.02 6.13
CA SER A 45 -5.23 -8.53 4.98
C SER A 45 -5.93 -7.20 5.25
N GLU A 46 -5.67 -6.61 6.42
CA GLU A 46 -6.26 -5.32 6.77
C GLU A 46 -5.76 -4.22 5.84
N ALA A 47 -4.57 -4.44 5.27
CA ALA A 47 -3.96 -3.45 4.40
C ALA A 47 -4.82 -3.24 3.18
N THR A 48 -5.47 -2.09 3.10
CA THR A 48 -6.42 -1.84 2.05
C THR A 48 -5.82 -0.91 0.99
N HIS A 49 -4.51 -0.96 0.85
CA HIS A 49 -3.81 -0.27 -0.22
C HIS A 49 -2.49 -0.93 -0.52
N VAL A 50 -2.44 -1.66 -1.60
CA VAL A 50 -1.20 -2.18 -2.10
C VAL A 50 -0.57 -1.17 -3.03
N VAL A 51 0.63 -0.77 -2.68
CA VAL A 51 1.34 0.27 -3.39
C VAL A 51 2.67 -0.29 -3.86
N MET A 52 3.03 -0.05 -5.11
CA MET A 52 4.16 -0.74 -5.73
C MET A 52 4.89 0.15 -6.70
N GLU A 53 6.21 -0.02 -6.77
CA GLU A 53 7.06 0.71 -7.69
C GLU A 53 7.74 -0.27 -8.64
N GLU A 54 8.09 0.19 -9.83
CA GLU A 54 8.72 -0.64 -10.86
C GLU A 54 7.86 -1.87 -11.14
N THR A 55 6.56 -1.69 -11.09
CA THR A 55 5.64 -2.79 -11.24
C THR A 55 4.63 -2.51 -12.34
N SER A 56 4.56 -3.40 -13.31
CA SER A 56 3.54 -3.35 -14.35
C SER A 56 2.20 -3.77 -13.75
N ALA A 57 1.10 -3.29 -14.32
CA ALA A 57 -0.24 -3.57 -13.80
C ALA A 57 -0.42 -5.05 -13.49
N GLU A 58 -0.03 -5.90 -14.45
CA GLU A 58 -0.21 -7.35 -14.32
C GLU A 58 0.60 -7.91 -13.15
N GLU A 59 1.86 -7.49 -13.05
CA GLU A 59 2.73 -7.87 -11.94
C GLU A 59 2.04 -7.68 -10.59
N ALA A 60 1.44 -6.51 -10.40
CA ALA A 60 0.75 -6.20 -9.15
C ALA A 60 -0.58 -6.94 -9.06
N VAL A 61 -1.18 -7.21 -10.23
CA VAL A 61 -2.40 -8.00 -10.28
C VAL A 61 -2.14 -9.41 -9.75
N SER A 62 -1.13 -10.06 -10.30
CA SER A 62 -0.76 -11.40 -9.87
C SER A 62 -0.27 -11.37 -8.43
N TRP A 63 0.48 -10.32 -8.10
CA TRP A 63 0.86 -10.08 -6.71
C TRP A 63 -0.37 -10.12 -5.81
N GLN A 64 -1.37 -9.32 -6.16
CA GLN A 64 -2.60 -9.26 -5.39
C GLN A 64 -3.26 -10.64 -5.30
N GLU A 65 -3.25 -11.37 -6.42
CA GLU A 65 -3.76 -12.74 -6.44
C GLU A 65 -3.06 -13.60 -5.39
N ARG A 66 -1.74 -13.65 -5.46
CA ARG A 66 -0.94 -14.50 -4.58
C ARG A 66 -0.99 -14.04 -3.13
N ARG A 67 -1.26 -12.76 -2.94
CA ARG A 67 -1.39 -12.23 -1.59
C ARG A 67 -2.73 -12.66 -1.01
N MET A 68 -3.79 -12.39 -1.75
CA MET A 68 -5.14 -12.67 -1.26
C MET A 68 -5.41 -14.16 -1.14
N ALA A 69 -4.69 -14.97 -1.94
CA ALA A 69 -4.79 -16.42 -1.84
C ALA A 69 -4.40 -16.94 -0.46
N ALA A 70 -3.56 -16.19 0.24
CA ALA A 70 -3.13 -16.56 1.58
C ALA A 70 -4.28 -16.35 2.57
N ALA A 71 -5.19 -15.47 2.20
CA ALA A 71 -6.38 -15.21 2.97
C ALA A 71 -7.57 -15.94 2.35
N PRO A 72 -8.73 -15.99 3.02
CA PRO A 72 -9.95 -16.50 2.41
C PRO A 72 -10.33 -15.68 1.17
N PRO A 73 -10.52 -16.35 0.03
CA PRO A 73 -10.82 -15.68 -1.26
C PRO A 73 -12.08 -14.83 -1.21
N GLY A 74 -12.89 -15.01 -0.18
CA GLY A 74 -14.10 -14.23 -0.04
C GLY A 74 -13.87 -12.91 0.68
N CYS A 75 -12.65 -12.70 1.16
CA CYS A 75 -12.32 -11.46 1.87
C CYS A 75 -12.19 -10.30 0.89
N THR A 76 -12.46 -9.09 1.39
CA THR A 76 -12.42 -7.89 0.59
C THR A 76 -10.97 -7.52 0.26
N PRO A 77 -10.63 -7.50 -1.03
CA PRO A 77 -9.28 -7.16 -1.48
C PRO A 77 -8.98 -5.68 -1.32
N PRO A 78 -7.72 -5.34 -0.99
CA PRO A 78 -7.26 -3.95 -0.91
C PRO A 78 -7.33 -3.24 -2.24
N ALA A 79 -6.84 -2.01 -2.28
CA ALA A 79 -6.83 -1.25 -3.51
C ALA A 79 -5.53 -1.47 -4.24
N LEU A 80 -5.61 -1.88 -5.48
CA LEU A 80 -4.43 -2.14 -6.28
C LEU A 80 -4.09 -0.92 -7.12
N LEU A 81 -2.90 -0.38 -6.91
CA LEU A 81 -2.44 0.82 -7.61
C LEU A 81 -0.94 0.97 -7.52
N ASP A 82 -0.41 2.07 -8.01
CA ASP A 82 1.03 2.28 -8.08
C ASP A 82 1.45 3.28 -7.01
N ILE A 83 2.75 3.31 -6.71
CA ILE A 83 3.33 4.24 -5.74
C ILE A 83 3.22 5.71 -6.19
N SER A 84 2.01 6.12 -6.47
CA SER A 84 1.72 7.52 -6.79
C SER A 84 0.54 7.99 -5.98
N TRP A 85 -0.38 7.07 -5.68
CA TRP A 85 -1.50 7.37 -4.79
C TRP A 85 -0.97 7.86 -3.45
N LEU A 86 0.10 7.22 -3.00
CA LEU A 86 0.59 7.44 -1.65
C LEU A 86 1.28 8.80 -1.53
N THR A 87 2.13 9.12 -2.49
CA THR A 87 2.87 10.38 -2.44
C THR A 87 1.93 11.58 -2.43
N GLU A 88 0.99 11.59 -3.38
CA GLU A 88 -0.08 12.58 -3.41
C GLU A 88 -0.85 12.61 -2.08
N SER A 89 -1.30 11.42 -1.64
CA SER A 89 -1.93 11.28 -0.32
C SER A 89 -1.08 11.93 0.78
N LEU A 90 0.23 11.66 0.76
CA LEU A 90 1.15 12.29 1.70
C LEU A 90 1.08 13.81 1.63
N GLY A 91 1.17 14.33 0.41
CA GLY A 91 1.14 15.77 0.20
C GLY A 91 -0.17 16.40 0.68
N ALA A 92 -1.28 15.85 0.22
CA ALA A 92 -2.60 16.34 0.62
C ALA A 92 -2.85 16.18 2.11
N GLY A 93 -2.21 15.17 2.71
CA GLY A 93 -2.37 14.92 4.13
C GLY A 93 -3.65 14.18 4.43
N GLN A 94 -4.18 13.53 3.41
CA GLN A 94 -5.44 12.82 3.51
C GLN A 94 -5.50 11.72 2.46
N PRO A 95 -6.18 10.61 2.77
CA PRO A 95 -6.33 9.49 1.83
C PRO A 95 -7.21 9.88 0.64
N VAL A 96 -6.57 10.20 -0.47
CA VAL A 96 -7.28 10.63 -1.67
C VAL A 96 -7.98 9.45 -2.33
N PRO A 97 -9.19 9.69 -2.88
CA PRO A 97 -9.92 8.68 -3.64
C PRO A 97 -9.16 8.30 -4.92
N VAL A 98 -8.67 7.07 -4.96
CA VAL A 98 -7.80 6.63 -6.03
C VAL A 98 -8.58 6.46 -7.34
N GLU A 99 -8.19 7.25 -8.33
CA GLU A 99 -8.76 7.13 -9.67
C GLU A 99 -8.11 5.96 -10.41
N CYS A 100 -8.84 5.45 -11.40
CA CYS A 100 -8.40 4.32 -12.22
C CYS A 100 -7.05 4.60 -12.88
N ARG A 101 -6.72 5.88 -13.01
CA ARG A 101 -5.44 6.30 -13.56
C ARG A 101 -4.27 5.75 -12.74
N HIS A 102 -4.48 5.61 -11.43
CA HIS A 102 -3.50 5.01 -10.54
C HIS A 102 -3.83 3.54 -10.33
N ARG A 103 -5.12 3.25 -10.40
CA ARG A 103 -5.67 1.92 -10.13
C ARG A 103 -5.59 1.02 -11.37
N LEU A 104 -4.53 1.24 -12.17
CA LEU A 104 -4.38 0.64 -13.51
C LEU A 104 -4.33 -0.90 -13.56
N GLU A 105 -4.88 -1.59 -12.57
CA GLU A 105 -4.78 -3.05 -12.51
C GLU A 105 -5.53 -3.69 -13.69
N GLY A 1 10.05 11.55 21.27
CA GLY A 1 9.39 10.22 21.32
C GLY A 1 9.82 9.34 20.16
N THR A 2 8.86 8.79 19.46
CA THR A 2 9.12 7.90 18.35
C THR A 2 8.20 8.25 17.18
N PRO A 3 8.73 8.25 15.94
CA PRO A 3 7.92 8.46 14.73
C PRO A 3 6.62 7.67 14.78
N PRO A 4 5.48 8.36 14.54
CA PRO A 4 4.13 7.81 14.68
C PRO A 4 4.02 6.36 14.22
N SER A 5 3.69 5.49 15.17
CA SER A 5 3.55 4.07 14.89
C SER A 5 2.28 3.79 14.06
N THR A 6 2.37 4.06 12.76
CA THR A 6 1.27 3.84 11.83
C THR A 6 0.00 4.52 12.36
N ARG A 7 0.00 5.85 12.33
CA ARG A 7 -0.97 6.65 13.08
C ARG A 7 -2.42 6.37 12.69
N PHE A 8 -2.68 6.22 11.40
CA PHE A 8 -4.06 6.05 10.93
C PHE A 8 -4.25 4.69 10.27
N PRO A 9 -4.69 3.69 11.04
CA PRO A 9 -4.84 2.32 10.55
C PRO A 9 -6.10 2.12 9.70
N GLY A 10 -6.87 3.19 9.52
CA GLY A 10 -7.99 3.17 8.60
C GLY A 10 -7.51 3.03 7.16
N VAL A 11 -6.24 3.31 6.97
CA VAL A 11 -5.57 3.12 5.70
C VAL A 11 -4.36 2.22 5.89
N ALA A 12 -4.48 0.99 5.41
CA ALA A 12 -3.43 -0.01 5.59
C ALA A 12 -2.68 -0.18 4.29
N ILE A 13 -1.53 0.43 4.21
CA ILE A 13 -0.76 0.44 2.99
C ILE A 13 0.28 -0.66 3.00
N TYR A 14 0.14 -1.58 2.07
CA TYR A 14 1.11 -2.63 1.96
C TYR A 14 2.04 -2.34 0.81
N LEU A 15 3.30 -2.57 1.07
CA LEU A 15 4.36 -2.31 0.12
C LEU A 15 5.05 -3.61 -0.20
N VAL A 16 5.23 -3.90 -1.47
CA VAL A 16 5.92 -5.10 -1.87
C VAL A 16 7.43 -4.93 -1.73
N GLU A 17 7.91 -5.09 -0.50
CA GLU A 17 9.32 -4.88 -0.14
C GLU A 17 10.29 -5.61 -1.11
N PRO A 18 10.06 -6.91 -1.44
CA PRO A 18 10.92 -7.66 -2.36
C PRO A 18 11.21 -6.92 -3.68
N ARG A 19 10.25 -6.10 -4.10
CA ARG A 19 10.39 -5.37 -5.36
C ARG A 19 10.13 -3.88 -5.17
N MET A 20 10.53 -3.37 -4.01
CA MET A 20 10.46 -1.95 -3.72
C MET A 20 11.70 -1.52 -2.97
N GLY A 21 12.41 -0.56 -3.53
CA GLY A 21 13.64 -0.09 -2.94
C GLY A 21 13.44 0.36 -1.52
N ARG A 22 14.15 -0.29 -0.59
CA ARG A 22 14.05 0.04 0.83
C ARG A 22 14.32 1.51 1.09
N SER A 23 15.14 2.13 0.25
CA SER A 23 15.37 3.57 0.35
C SER A 23 14.07 4.32 0.11
N ARG A 24 13.32 3.89 -0.89
CA ARG A 24 12.04 4.50 -1.20
C ARG A 24 11.02 4.12 -0.15
N ARG A 25 10.98 2.82 0.18
CA ARG A 25 10.13 2.34 1.26
C ARG A 25 10.36 3.17 2.52
N ALA A 26 11.58 3.15 3.06
CA ALA A 26 11.93 3.95 4.25
C ALA A 26 11.56 5.43 4.12
N PHE A 27 11.42 5.89 2.88
CA PHE A 27 11.11 7.28 2.62
C PHE A 27 9.62 7.51 2.85
N LEU A 28 8.81 6.64 2.28
CA LEU A 28 7.37 6.69 2.43
C LEU A 28 6.97 6.16 3.79
N THR A 29 7.87 5.42 4.43
CA THR A 29 7.54 4.77 5.69
C THR A 29 7.42 5.82 6.79
N GLY A 30 8.50 6.57 7.04
CA GLY A 30 8.45 7.61 8.06
C GLY A 30 7.58 8.77 7.64
N LEU A 31 7.36 8.88 6.34
CA LEU A 31 6.52 9.94 5.82
C LEU A 31 5.06 9.61 6.06
N ALA A 32 4.62 8.47 5.53
CA ALA A 32 3.21 8.11 5.56
C ALA A 32 2.72 7.90 6.99
N ARG A 33 3.59 7.37 7.83
CA ARG A 33 3.29 7.18 9.25
C ARG A 33 2.98 8.53 9.91
N SER A 34 3.80 9.53 9.59
CA SER A 34 3.59 10.86 10.13
C SER A 34 2.49 11.61 9.37
N LYS A 35 2.23 11.21 8.13
CA LYS A 35 1.26 11.91 7.29
C LYS A 35 -0.17 11.67 7.72
N GLY A 36 -0.60 10.41 7.81
CA GLY A 36 -1.99 10.13 8.13
C GLY A 36 -2.42 8.74 7.65
N PHE A 37 -1.51 7.77 7.70
CA PHE A 37 -1.82 6.38 7.33
C PHE A 37 -1.00 5.44 8.20
N ARG A 38 -1.41 4.18 8.31
CA ARG A 38 -0.53 3.17 8.87
C ARG A 38 0.42 2.62 7.82
N VAL A 39 1.20 1.63 8.21
CA VAL A 39 2.07 0.92 7.30
C VAL A 39 1.81 -0.57 7.47
N LEU A 40 1.38 -1.21 6.41
CA LEU A 40 0.97 -2.60 6.46
C LEU A 40 2.06 -3.47 5.85
N ASP A 41 2.50 -4.48 6.60
CA ASP A 41 3.56 -5.36 6.16
C ASP A 41 3.36 -6.75 6.74
N ALA A 42 2.10 -7.16 6.76
CA ALA A 42 1.72 -8.46 7.29
C ALA A 42 0.88 -9.20 6.27
N CYS A 43 0.76 -10.50 6.44
CA CYS A 43 0.04 -11.34 5.49
C CYS A 43 -1.46 -11.30 5.76
N SER A 44 -1.88 -10.45 6.67
CA SER A 44 -3.28 -10.28 7.02
C SER A 44 -4.06 -9.60 5.89
N SER A 45 -5.37 -9.62 5.97
CA SER A 45 -6.21 -8.99 4.98
C SER A 45 -6.57 -7.57 5.41
N GLU A 46 -5.97 -7.14 6.52
CA GLU A 46 -6.17 -5.79 7.02
C GLU A 46 -5.77 -4.77 5.96
N ALA A 47 -4.82 -5.16 5.11
CA ALA A 47 -4.34 -4.29 4.06
C ALA A 47 -5.48 -3.85 3.16
N THR A 48 -5.44 -2.60 2.75
CA THR A 48 -6.54 -2.01 2.03
C THR A 48 -6.05 -0.87 1.18
N HIS A 49 -4.90 -1.04 0.50
CA HIS A 49 -4.12 0.09 0.02
C HIS A 49 -2.74 -0.43 -0.32
N VAL A 50 -2.70 -1.25 -1.36
CA VAL A 50 -1.47 -1.84 -1.82
C VAL A 50 -0.82 -0.92 -2.85
N VAL A 51 0.45 -0.69 -2.68
CA VAL A 51 1.22 0.17 -3.55
C VAL A 51 2.43 -0.59 -4.06
N MET A 52 2.89 -0.23 -5.24
CA MET A 52 4.04 -0.88 -5.85
C MET A 52 4.74 0.07 -6.80
N GLU A 53 6.05 -0.04 -6.91
CA GLU A 53 6.78 0.72 -7.91
C GLU A 53 7.20 -0.20 -9.05
N GLU A 54 7.52 0.38 -10.20
CA GLU A 54 7.96 -0.39 -11.37
C GLU A 54 6.83 -1.24 -11.96
N THR A 55 5.61 -1.01 -11.49
CA THR A 55 4.49 -1.87 -11.79
C THR A 55 3.94 -1.69 -13.21
N SER A 56 3.86 -2.79 -13.92
CA SER A 56 2.98 -2.89 -15.07
C SER A 56 1.65 -3.43 -14.58
N ALA A 57 0.56 -3.03 -15.21
CA ALA A 57 -0.80 -3.36 -14.75
C ALA A 57 -0.94 -4.81 -14.27
N GLU A 58 -0.40 -5.76 -15.01
CA GLU A 58 -0.57 -7.17 -14.68
C GLU A 58 0.35 -7.58 -13.53
N GLU A 59 1.52 -6.95 -13.48
CA GLU A 59 2.47 -7.15 -12.37
C GLU A 59 1.79 -7.15 -11.01
N ALA A 60 1.09 -6.07 -10.68
CA ALA A 60 0.44 -6.00 -9.39
C ALA A 60 -0.88 -6.78 -9.38
N VAL A 61 -1.45 -7.04 -10.55
CA VAL A 61 -2.67 -7.82 -10.63
C VAL A 61 -2.43 -9.27 -10.23
N SER A 62 -1.38 -9.88 -10.79
CA SER A 62 -0.96 -11.20 -10.35
C SER A 62 -0.57 -11.16 -8.87
N TRP A 63 0.17 -10.12 -8.51
CA TRP A 63 0.44 -9.85 -7.10
C TRP A 63 -0.86 -9.90 -6.28
N GLN A 64 -1.92 -9.26 -6.77
CA GLN A 64 -3.22 -9.30 -6.11
C GLN A 64 -3.68 -10.74 -5.90
N GLU A 65 -3.50 -11.56 -6.93
CA GLU A 65 -3.81 -12.99 -6.85
C GLU A 65 -3.06 -13.64 -5.70
N ARG A 66 -1.75 -13.37 -5.65
CA ARG A 66 -0.90 -13.91 -4.58
C ARG A 66 -1.31 -13.33 -3.23
N ARG A 67 -1.63 -12.04 -3.22
CA ARG A 67 -2.15 -11.36 -2.04
C ARG A 67 -3.38 -12.11 -1.51
N MET A 68 -4.33 -12.35 -2.41
CA MET A 68 -5.53 -13.12 -2.10
C MET A 68 -5.20 -14.53 -1.59
N ALA A 69 -4.25 -15.18 -2.25
CA ALA A 69 -3.85 -16.53 -1.86
C ALA A 69 -3.29 -16.57 -0.43
N ALA A 70 -2.82 -15.43 0.06
CA ALA A 70 -2.28 -15.36 1.41
C ALA A 70 -3.30 -14.75 2.37
N ALA A 71 -4.48 -14.46 1.84
CA ALA A 71 -5.55 -13.86 2.61
C ALA A 71 -6.57 -14.92 3.04
N PRO A 72 -7.38 -14.62 4.06
CA PRO A 72 -8.47 -15.50 4.49
C PRO A 72 -9.55 -15.64 3.43
N PRO A 73 -9.99 -16.88 3.15
CA PRO A 73 -11.05 -17.15 2.18
C PRO A 73 -12.37 -16.49 2.57
N GLY A 74 -12.88 -15.64 1.69
CA GLY A 74 -14.09 -14.91 1.99
C GLY A 74 -13.84 -13.42 2.12
N CYS A 75 -12.57 -13.05 2.14
CA CYS A 75 -12.20 -11.64 2.24
C CYS A 75 -11.93 -11.06 0.86
N THR A 76 -12.57 -9.94 0.56
CA THR A 76 -12.38 -9.26 -0.71
C THR A 76 -11.02 -8.58 -0.77
N PRO A 77 -10.44 -8.46 -1.97
CA PRO A 77 -9.12 -7.84 -2.16
C PRO A 77 -9.11 -6.36 -1.78
N PRO A 78 -7.98 -5.88 -1.23
CA PRO A 78 -7.76 -4.46 -0.93
C PRO A 78 -7.76 -3.59 -2.20
N ALA A 79 -7.16 -2.41 -2.12
CA ALA A 79 -7.11 -1.51 -3.26
C ALA A 79 -5.88 -1.84 -4.09
N LEU A 80 -6.06 -2.11 -5.36
CA LEU A 80 -4.94 -2.44 -6.22
C LEU A 80 -4.56 -1.21 -7.04
N LEU A 81 -3.32 -0.78 -6.87
CA LEU A 81 -2.81 0.44 -7.45
C LEU A 81 -1.32 0.51 -7.19
N ASP A 82 -0.67 1.62 -7.51
CA ASP A 82 0.78 1.67 -7.37
C ASP A 82 1.19 2.80 -6.44
N ILE A 83 2.48 2.79 -6.08
CA ILE A 83 3.08 3.75 -5.16
C ILE A 83 2.80 5.21 -5.54
N SER A 84 2.34 5.45 -6.75
CA SER A 84 2.07 6.81 -7.20
C SER A 84 0.90 7.43 -6.43
N TRP A 85 0.01 6.59 -5.93
CA TRP A 85 -1.08 7.06 -5.07
C TRP A 85 -0.52 7.62 -3.77
N LEU A 86 0.51 6.97 -3.25
CA LEU A 86 0.99 7.25 -1.92
C LEU A 86 1.74 8.56 -1.86
N THR A 87 2.61 8.80 -2.83
CA THR A 87 3.42 10.00 -2.84
C THR A 87 2.55 11.27 -2.85
N GLU A 88 1.62 11.33 -3.80
CA GLU A 88 0.65 12.43 -3.87
C GLU A 88 -0.22 12.51 -2.61
N SER A 89 -0.81 11.39 -2.19
CA SER A 89 -1.61 11.37 -0.96
C SER A 89 -0.81 11.89 0.24
N LEU A 90 0.46 11.50 0.33
CA LEU A 90 1.37 12.05 1.33
C LEU A 90 1.45 13.58 1.23
N GLY A 91 1.53 14.07 0.00
CA GLY A 91 1.60 15.50 -0.23
C GLY A 91 0.37 16.22 0.29
N ALA A 92 -0.80 15.70 -0.04
CA ALA A 92 -2.06 16.25 0.45
C ALA A 92 -2.19 16.03 1.96
N GLY A 93 -1.52 15.00 2.46
CA GLY A 93 -1.52 14.73 3.88
C GLY A 93 -2.72 13.92 4.32
N GLN A 94 -3.38 13.29 3.37
CA GLN A 94 -4.60 12.53 3.63
C GLN A 94 -4.88 11.58 2.48
N PRO A 95 -5.57 10.45 2.77
CA PRO A 95 -5.84 9.41 1.78
C PRO A 95 -6.80 9.86 0.68
N VAL A 96 -6.24 10.49 -0.33
CA VAL A 96 -7.00 10.92 -1.49
C VAL A 96 -7.61 9.72 -2.21
N PRO A 97 -8.78 9.91 -2.83
CA PRO A 97 -9.47 8.88 -3.61
C PRO A 97 -8.69 8.58 -4.90
N VAL A 98 -8.37 7.30 -5.11
CA VAL A 98 -7.55 6.92 -6.24
C VAL A 98 -8.33 7.00 -7.55
N GLU A 99 -7.76 7.67 -8.53
CA GLU A 99 -8.35 7.78 -9.85
C GLU A 99 -8.00 6.56 -10.70
N CYS A 100 -8.72 6.38 -11.81
CA CYS A 100 -8.53 5.22 -12.66
C CYS A 100 -7.07 5.12 -13.14
N ARG A 101 -6.48 6.28 -13.41
CA ARG A 101 -5.10 6.34 -13.93
C ARG A 101 -4.14 5.71 -12.94
N HIS A 102 -4.31 6.05 -11.67
CA HIS A 102 -3.43 5.57 -10.61
C HIS A 102 -3.86 4.19 -10.14
N ARG A 103 -5.03 3.76 -10.60
CA ARG A 103 -5.58 2.46 -10.25
C ARG A 103 -5.40 1.52 -11.45
N LEU A 104 -4.36 1.82 -12.24
CA LEU A 104 -4.15 1.19 -13.56
C LEU A 104 -4.20 -0.33 -13.51
N GLU A 105 -3.62 -0.91 -12.47
CA GLU A 105 -3.59 -2.36 -12.27
C GLU A 105 -5.00 -2.97 -12.35
#